data_2IH4
#
_entry.id   2IH4
#
_cell.length_a   59.197
_cell.length_b   66.576
_cell.length_c   111.308
_cell.angle_alpha   90.00
_cell.angle_beta   90.99
_cell.angle_gamma   90.00
#
_symmetry.space_group_name_H-M   'P 1 21 1'
#
loop_
_entity.id
_entity.type
_entity.pdbx_description
1 polymer "5'-D(*GP*TP*TP*CP*GP*AP*TP*GP*TP*C)-3'"
2 polymer "5'-D(*GP*AP*CP*AP*(4PC)P*CP*GP*(6MA)P*AP*C)-3'"
3 polymer 'Modification methylase TaqI'
4 non-polymer "5'-DEOXY-5'-[2-(AMINO)ETHYLTHIO]ADENOSINE"
5 non-polymer GLYCEROL
6 water water
#
loop_
_entity_poly.entity_id
_entity_poly.type
_entity_poly.pdbx_seq_one_letter_code
_entity_poly.pdbx_strand_id
1 'polydeoxyribonucleotide' (DG)(DT)(DT)(DC)(DG)(DA)(DT)(DG)(DT)(DC) B,E
2 'polydeoxyribonucleotide' (DG)(DA)(DC)(DA)(4PC)(DC)(DG)(6MA)(DA)(DC) C,F
3 'polypeptide(L)'
;MGLPPLLSLPSNSAPRSLGRVETPPEVVDFMVSLAEAPRGGRVLEPACAHGPFLRAFREAHGTAYRFVGVEIDPKALDLP
PWAEGILADFLLWEPGEAFDLILGNPPYGIVGEASKYPIHVFKAVKDLYKKAFSTWKGKYNLYGAFLEKAVRLLKPGGVL
VFVVPATWLVLEDFALLREFLAREGKTSVYYLGEVFPQKKVSAVVIRFQKSGKGLSLWDTQESESGFTPILWAEYPHWEG
EIIRFETEETRKLEISGMPLGDLFHIRFAARSPEFKKHPAVRKEPGPGLVPVLTGRNLKPGWVDYEKNHSGLWMPKERAK
ELRDFYATPHLVVAHTKGTRVVAAWDERAYPWREEFHLLPKEGVRLDPSSLVQWLNSEAMQKHVRTLYRDFVPHLTLRML
ERLPVRREYGFHTSPESARNF
;
A,D
#
# COMPACT_ATOMS: atom_id res chain seq x y z
N VAL E 21 6.15 12.11 -2.52
CA VAL E 21 6.15 10.87 -3.36
C VAL E 21 5.47 9.73 -2.61
N GLU E 22 4.67 8.93 -3.34
CA GLU E 22 4.10 7.70 -2.81
C GLU E 22 4.68 6.51 -3.55
N THR E 23 5.14 5.52 -2.81
CA THR E 23 5.56 4.27 -3.42
C THR E 23 4.31 3.43 -3.64
N PRO E 24 4.04 3.04 -4.89
CA PRO E 24 2.85 2.24 -5.22
C PRO E 24 2.80 0.97 -4.38
N PRO E 25 1.60 0.55 -3.95
CA PRO E 25 1.46 -0.59 -3.03
C PRO E 25 2.14 -1.86 -3.52
N GLU E 26 2.07 -2.11 -4.83
CA GLU E 26 2.67 -3.32 -5.40
C GLU E 26 4.20 -3.29 -5.32
N VAL E 27 4.77 -2.10 -5.42
CA VAL E 27 6.22 -1.93 -5.26
C VAL E 27 6.63 -2.21 -3.82
N VAL E 28 5.95 -1.55 -2.87
CA VAL E 28 6.12 -1.82 -1.43
C VAL E 28 6.01 -3.32 -1.09
N ASP E 29 4.95 -3.98 -1.56
CA ASP E 29 4.71 -5.39 -1.24
C ASP E 29 5.85 -6.28 -1.76
N PHE E 30 6.32 -5.98 -2.96
CA PHE E 30 7.47 -6.68 -3.54
C PHE E 30 8.74 -6.55 -2.67
N MET E 31 9.03 -5.33 -2.24
CA MET E 31 10.22 -5.05 -1.45
C MET E 31 10.15 -5.73 -0.08
N VAL E 32 8.96 -5.71 0.51
CA VAL E 32 8.70 -6.37 1.80
C VAL E 32 8.91 -7.89 1.71
N SER E 33 8.54 -8.49 0.57
CA SER E 33 8.77 -9.92 0.34
C SER E 33 10.27 -10.27 0.28
N LEU E 34 11.09 -9.27 -0.04
CA LEU E 34 12.55 -9.44 -0.12
C LEU E 34 13.21 -9.04 1.19
N ALA E 35 12.44 -8.38 2.05
CA ALA E 35 12.92 -7.91 3.33
C ALA E 35 12.92 -9.04 4.35
N GLU E 36 14.04 -9.18 5.07
CA GLU E 36 14.14 -10.12 6.18
C GLU E 36 14.88 -9.47 7.33
N ALA E 37 14.49 -9.85 8.54
CA ALA E 37 15.16 -9.38 9.76
C ALA E 37 14.97 -10.43 10.84
N PRO E 38 15.94 -10.56 11.76
CA PRO E 38 15.71 -11.43 12.91
C PRO E 38 14.60 -10.87 13.79
N ARG E 39 13.82 -11.75 14.43
CA ARG E 39 12.88 -11.32 15.46
C ARG E 39 13.65 -10.60 16.54
N GLY E 40 13.13 -9.43 16.94
CA GLY E 40 13.85 -8.56 17.86
C GLY E 40 14.83 -7.65 17.13
N GLY E 41 14.96 -7.85 15.82
CA GLY E 41 15.88 -7.06 14.99
C GLY E 41 15.47 -5.61 14.81
N ARG E 42 16.48 -4.77 14.59
CA ARG E 42 16.27 -3.33 14.39
C ARG E 42 15.98 -3.06 12.92
N VAL E 43 14.78 -2.52 12.66
CA VAL E 43 14.26 -2.27 11.32
C VAL E 43 14.09 -0.76 11.13
N LEU E 44 14.88 -0.19 10.20
CA LEU E 44 14.88 1.25 9.94
C LEU E 44 14.28 1.65 8.59
N GLU E 45 13.47 2.71 8.59
CA GLU E 45 13.11 3.38 7.35
C GLU E 45 13.66 4.81 7.29
N PRO E 46 14.65 5.06 6.41
CA PRO E 46 15.16 6.41 6.14
C PRO E 46 14.15 7.23 5.34
N ALA E 47 14.14 8.54 5.59
CA ALA E 47 13.26 9.47 4.89
C ALA E 47 11.83 8.95 4.93
N CYS E 48 11.34 8.68 6.14
CA CYS E 48 10.19 7.82 6.33
C CYS E 48 8.81 8.46 6.18
N ALA E 49 8.76 9.79 6.32
CA ALA E 49 7.50 10.53 6.51
C ALA E 49 6.56 9.82 7.51
N HIS E 50 5.44 9.28 7.02
CA HIS E 50 4.50 8.54 7.88
C HIS E 50 4.94 7.08 8.12
N GLY E 51 5.90 6.62 7.33
CA GLY E 51 6.49 5.29 7.50
C GLY E 51 5.76 4.15 6.83
N PRO E 52 5.47 4.26 5.50
CA PRO E 52 4.72 3.20 4.81
C PRO E 52 5.42 1.84 4.82
N PHE E 53 6.75 1.84 4.74
CA PHE E 53 7.53 0.60 4.78
C PHE E 53 7.51 -0.07 6.15
N LEU E 54 7.59 0.73 7.20
CA LEU E 54 7.52 0.21 8.58
C LEU E 54 6.14 -0.39 8.84
N ARG E 55 5.09 0.30 8.39
CA ARG E 55 3.72 -0.21 8.45
C ARG E 55 3.54 -1.52 7.68
N ALA E 56 4.07 -1.55 6.45
CA ALA E 56 3.95 -2.71 5.57
C ALA E 56 4.69 -3.94 6.07
N PHE E 57 5.92 -3.74 6.57
CA PHE E 57 6.72 -4.84 7.09
C PHE E 57 6.09 -5.42 8.37
N ARG E 58 5.54 -4.55 9.21
CA ARG E 58 4.85 -4.97 10.43
C ARG E 58 3.59 -5.78 10.09
N GLU E 59 2.79 -5.27 9.15
CA GLU E 59 1.64 -5.98 8.59
C GLU E 59 1.97 -7.41 8.13
N ALA E 60 3.14 -7.58 7.52
CA ALA E 60 3.51 -8.82 6.86
C ALA E 60 4.25 -9.80 7.75
N HIS E 61 5.16 -9.29 8.58
CA HIS E 61 6.10 -10.13 9.34
C HIS E 61 5.86 -10.14 10.85
N GLY E 62 4.97 -9.27 11.33
CA GLY E 62 4.60 -9.25 12.74
C GLY E 62 5.17 -8.10 13.55
N THR E 63 4.93 -8.14 14.85
CA THR E 63 5.19 -7.00 15.73
C THR E 63 6.48 -7.08 16.53
N ALA E 64 7.21 -8.19 16.42
CA ALA E 64 8.39 -8.42 17.26
C ALA E 64 9.71 -7.91 16.67
N TYR E 65 9.73 -6.63 16.29
CA TYR E 65 10.98 -5.95 15.90
C TYR E 65 11.00 -4.57 16.51
N ARG E 66 12.19 -3.96 16.56
CA ARG E 66 12.28 -2.56 16.91
C ARG E 66 12.20 -1.71 15.63
N PHE E 67 11.09 -0.99 15.49
CA PHE E 67 10.86 -0.14 14.32
C PHE E 67 11.34 1.30 14.55
N VAL E 68 12.13 1.82 13.60
CA VAL E 68 12.73 3.15 13.70
C VAL E 68 12.56 3.92 12.38
N GLY E 69 12.22 5.19 12.45
CA GLY E 69 12.14 6.04 11.26
C GLY E 69 12.87 7.37 11.43
N VAL E 70 13.60 7.76 10.39
CA VAL E 70 14.32 9.03 10.38
C VAL E 70 13.72 9.96 9.32
N GLU E 71 13.39 11.18 9.73
CA GLU E 71 12.72 12.13 8.86
C GLU E 71 13.21 13.52 9.20
N ILE E 72 13.61 14.29 8.19
CA ILE E 72 14.21 15.60 8.41
C ILE E 72 13.17 16.70 8.65
N ASP E 73 11.97 16.48 8.11
CA ASP E 73 10.91 17.48 8.16
C ASP E 73 9.95 17.12 9.29
N PRO E 74 9.92 17.95 10.35
CA PRO E 74 9.05 17.70 11.50
C PRO E 74 7.57 17.67 11.14
N LYS E 75 7.20 18.29 10.02
CA LYS E 75 5.82 18.28 9.54
C LYS E 75 5.50 16.96 8.88
N ALA E 76 6.50 16.36 8.24
CA ALA E 76 6.34 15.07 7.54
C ALA E 76 6.32 13.86 8.46
N LEU E 77 7.10 13.92 9.55
CA LEU E 77 7.25 12.80 10.46
C LEU E 77 5.97 12.49 11.23
N ASP E 78 5.47 11.27 11.02
CA ASP E 78 4.19 10.87 11.59
C ASP E 78 4.13 9.35 11.68
N LEU E 79 5.08 8.80 12.43
CA LEU E 79 5.14 7.35 12.66
C LEU E 79 4.10 6.93 13.69
N PRO E 80 3.61 5.68 13.59
CA PRO E 80 2.75 5.16 14.66
C PRO E 80 3.53 5.08 15.96
N PRO E 81 2.83 5.10 17.11
CA PRO E 81 3.53 5.09 18.41
C PRO E 81 4.44 3.88 18.64
N TRP E 82 4.17 2.77 17.93
CA TRP E 82 4.99 1.56 18.08
C TRP E 82 6.38 1.67 17.43
N ALA E 83 6.63 2.79 16.75
CA ALA E 83 7.91 3.03 16.09
C ALA E 83 8.57 4.28 16.65
N GLU E 84 9.90 4.22 16.79
CA GLU E 84 10.68 5.39 17.20
C GLU E 84 10.85 6.35 16.02
N GLY E 85 10.45 7.61 16.22
CA GLY E 85 10.58 8.63 15.21
C GLY E 85 11.77 9.53 15.52
N ILE E 86 12.63 9.74 14.53
CA ILE E 86 13.81 10.57 14.73
C ILE E 86 13.79 11.77 13.77
N LEU E 87 13.93 12.97 14.34
CA LEU E 87 14.08 14.20 13.56
C LEU E 87 15.55 14.44 13.25
N ALA E 88 15.93 14.12 12.02
CA ALA E 88 17.32 14.18 11.61
C ALA E 88 17.46 14.08 10.10
N ASP E 89 18.51 14.74 9.58
CA ASP E 89 19.03 14.43 8.27
C ASP E 89 19.68 13.06 8.38
N PHE E 90 19.11 12.07 7.69
CA PHE E 90 19.60 10.69 7.72
C PHE E 90 21.07 10.60 7.31
N LEU E 91 21.47 11.46 6.38
CA LEU E 91 22.84 11.42 5.84
C LEU E 91 23.90 11.87 6.83
N LEU E 92 23.49 12.63 7.85
CA LEU E 92 24.40 13.13 8.89
C LEU E 92 24.15 12.46 10.23
N TRP E 93 23.28 11.46 10.22
CA TRP E 93 22.77 10.83 11.44
C TRP E 93 23.72 9.75 11.95
N GLU E 94 24.08 9.84 13.22
CA GLU E 94 24.99 8.89 13.82
C GLU E 94 24.37 8.22 15.03
N PRO E 95 23.58 7.16 14.79
CA PRO E 95 22.93 6.45 15.88
C PRO E 95 23.94 5.64 16.68
N GLY E 96 23.50 5.10 17.81
CA GLY E 96 24.37 4.30 18.68
C GLY E 96 24.62 2.90 18.15
N GLU E 97 23.60 2.31 17.54
CA GLU E 97 23.67 0.94 17.06
C GLU E 97 23.34 0.85 15.57
N ALA E 98 23.91 -0.17 14.92
CA ALA E 98 23.62 -0.49 13.53
C ALA E 98 22.29 -1.26 13.43
N PHE E 99 21.86 -1.53 12.19
CA PHE E 99 20.53 -2.07 11.93
C PHE E 99 20.57 -3.41 11.20
N ASP E 100 19.56 -4.23 11.46
CA ASP E 100 19.45 -5.54 10.83
C ASP E 100 18.79 -5.46 9.46
N LEU E 101 17.84 -4.53 9.35
CA LEU E 101 17.11 -4.30 8.11
C LEU E 101 16.88 -2.82 7.93
N ILE E 102 17.19 -2.33 6.73
CA ILE E 102 16.90 -0.96 6.33
C ILE E 102 16.14 -1.04 5.01
N LEU E 103 14.95 -0.43 4.98
CA LEU E 103 14.09 -0.42 3.80
C LEU E 103 13.45 0.93 3.54
N GLY E 104 13.22 1.22 2.27
CA GLY E 104 12.45 2.39 1.89
C GLY E 104 12.68 2.91 0.49
N ASN E 105 12.19 4.13 0.28
CA ASN E 105 12.33 4.88 -0.95
C ASN E 105 12.98 6.22 -0.63
N PRO E 106 14.33 6.31 -0.79
CA PRO E 106 15.05 7.55 -0.47
C PRO E 106 14.66 8.68 -1.43
N PRO E 107 14.94 9.95 -1.05
CA PRO E 107 14.78 11.02 -2.05
C PRO E 107 15.75 10.87 -3.23
N TYR E 108 15.26 11.13 -4.44
CA TYR E 108 16.14 11.15 -5.60
C TYR E 108 16.35 12.60 -5.95
N GLY E 109 17.59 12.96 -6.30
CA GLY E 109 17.86 14.30 -6.83
C GLY E 109 19.27 14.79 -6.63
N ILE E 110 19.75 15.58 -7.58
CA ILE E 110 21.05 16.23 -7.51
C ILE E 110 20.96 17.45 -6.59
N VAL E 111 21.89 17.56 -5.64
CA VAL E 111 22.02 18.76 -4.83
C VAL E 111 22.71 19.86 -5.64
N GLY E 112 21.98 20.95 -5.90
CA GLY E 112 22.56 22.07 -6.63
C GLY E 112 21.74 23.33 -6.58
N GLU E 113 22.25 24.36 -7.25
CA GLU E 113 21.58 25.66 -7.41
C GLU E 113 20.18 25.48 -7.99
N ALA E 114 19.19 26.11 -7.35
CA ALA E 114 17.76 25.88 -7.64
C ALA E 114 17.33 26.10 -9.09
N SER E 115 18.10 26.91 -9.82
CA SER E 115 17.76 27.24 -11.19
C SER E 115 17.99 26.08 -12.14
N LYS E 116 18.79 25.11 -11.70
CA LYS E 116 19.18 23.97 -12.52
C LYS E 116 18.89 22.62 -11.84
N TYR E 117 18.94 22.60 -10.51
CA TYR E 117 18.83 21.35 -9.74
C TYR E 117 17.74 21.42 -8.66
N PRO E 118 17.12 20.25 -8.35
CA PRO E 118 15.95 20.19 -7.47
C PRO E 118 16.23 20.15 -5.96
N ILE E 119 17.44 19.78 -5.55
CA ILE E 119 17.77 19.64 -4.13
C ILE E 119 18.59 20.85 -3.66
N HIS E 120 18.02 21.59 -2.71
CA HIS E 120 18.61 22.85 -2.26
C HIS E 120 18.93 22.76 -0.78
N VAL E 121 20.24 22.74 -0.49
CA VAL E 121 20.73 22.79 0.88
C VAL E 121 21.84 23.82 0.99
N PHE E 122 21.99 24.36 2.19
CA PHE E 122 23.05 25.29 2.54
C PHE E 122 24.39 24.64 2.19
N LYS E 123 25.27 25.40 1.54
CA LYS E 123 26.55 24.91 1.04
C LYS E 123 27.29 24.04 2.07
N ALA E 124 27.27 24.45 3.34
CA ALA E 124 27.97 23.73 4.39
C ALA E 124 27.45 22.32 4.56
N VAL E 125 26.14 22.14 4.36
CA VAL E 125 25.55 20.81 4.45
C VAL E 125 26.05 19.91 3.31
N LYS E 126 25.98 20.42 2.07
CA LYS E 126 26.54 19.69 0.93
C LYS E 126 28.01 19.34 1.18
N ASP E 127 28.77 20.28 1.75
CA ASP E 127 30.17 20.03 2.12
C ASP E 127 30.31 18.87 3.10
N LEU E 128 29.41 18.80 4.07
CA LEU E 128 29.38 17.69 5.02
C LEU E 128 29.10 16.35 4.33
N TYR E 129 28.24 16.37 3.32
CA TYR E 129 27.92 15.16 2.55
C TYR E 129 29.16 14.65 1.82
N LYS E 130 29.80 15.53 1.06
CA LYS E 130 31.00 15.16 0.32
C LYS E 130 32.03 14.58 1.28
N LYS E 131 32.08 15.15 2.48
CA LYS E 131 33.04 14.76 3.51
C LYS E 131 32.70 13.38 4.07
N ALA E 132 31.41 13.12 4.28
CA ALA E 132 30.98 11.87 4.90
C ALA E 132 30.99 10.66 3.96
N PHE E 133 30.84 10.89 2.66
CA PHE E 133 30.54 9.80 1.74
C PHE E 133 31.63 9.49 0.72
N SER E 134 32.24 8.31 0.87
CA SER E 134 33.31 7.84 -0.01
C SER E 134 32.89 7.64 -1.47
N THR E 135 31.59 7.37 -1.68
CA THR E 135 31.06 7.12 -3.02
C THR E 135 30.66 8.40 -3.75
N TRP E 136 30.66 9.53 -3.03
CA TRP E 136 30.22 10.80 -3.63
C TRP E 136 31.15 11.20 -4.75
N LYS E 137 30.60 11.36 -5.95
CA LYS E 137 31.41 11.59 -7.14
C LYS E 137 30.66 12.46 -8.13
N GLY E 138 31.35 13.48 -8.65
CA GLY E 138 30.74 14.42 -9.59
C GLY E 138 29.58 15.15 -8.93
N LYS E 139 28.52 15.38 -9.69
CA LYS E 139 27.33 16.03 -9.12
C LYS E 139 26.64 15.09 -8.15
N TYR E 140 26.77 13.79 -8.42
CA TYR E 140 26.20 12.71 -7.62
C TYR E 140 24.68 12.87 -7.43
N ASN E 141 24.13 12.25 -6.40
CA ASN E 141 22.69 12.17 -6.17
C ASN E 141 22.40 11.77 -4.74
N LEU E 142 21.37 12.40 -4.18
CA LEU E 142 20.85 12.07 -2.85
C LEU E 142 20.63 10.57 -2.64
N TYR E 143 20.18 9.87 -3.69
CA TYR E 143 19.92 8.44 -3.55
C TYR E 143 21.20 7.59 -3.42
N GLY E 144 22.30 8.04 -4.02
CA GLY E 144 23.59 7.34 -3.89
C GLY E 144 24.10 7.47 -2.47
N ALA E 145 24.03 8.69 -1.94
CA ALA E 145 24.35 8.98 -0.55
C ALA E 145 23.49 8.18 0.43
N PHE E 146 22.17 8.13 0.18
CA PHE E 146 21.28 7.30 1.02
C PHE E 146 21.66 5.81 0.96
N LEU E 147 22.06 5.33 -0.22
CA LEU E 147 22.51 3.94 -0.36
C LEU E 147 23.77 3.63 0.45
N GLU E 148 24.78 4.49 0.32
CA GLU E 148 26.05 4.31 1.06
C GLU E 148 25.81 4.41 2.57
N LYS E 149 25.06 5.44 2.96
CA LYS E 149 24.67 5.63 4.37
C LYS E 149 23.96 4.41 4.94
N ALA E 150 22.98 3.89 4.21
CA ALA E 150 22.28 2.66 4.61
C ALA E 150 23.23 1.48 4.86
N VAL E 151 24.23 1.30 4.00
CA VAL E 151 25.18 0.19 4.12
C VAL E 151 26.11 0.37 5.32
N ARG E 152 26.56 1.59 5.53
CA ARG E 152 27.40 1.93 6.69
C ARG E 152 26.65 1.78 8.03
N LEU E 153 25.32 1.85 7.99
CA LEU E 153 24.53 1.74 9.22
C LEU E 153 24.02 0.32 9.47
N LEU E 154 24.49 -0.63 8.65
CA LEU E 154 23.99 -1.99 8.67
C LEU E 154 24.92 -2.87 9.49
N LYS E 155 24.34 -3.77 10.27
CA LYS E 155 25.09 -4.85 10.93
C LYS E 155 25.61 -5.82 9.87
N PRO E 156 26.76 -6.48 10.15
CA PRO E 156 27.17 -7.63 9.33
C PRO E 156 25.99 -8.59 9.15
N GLY E 157 25.81 -9.10 7.93
CA GLY E 157 24.67 -9.95 7.62
C GLY E 157 23.36 -9.20 7.44
N GLY E 158 23.37 -7.89 7.74
CA GLY E 158 22.17 -7.06 7.62
C GLY E 158 21.71 -6.86 6.19
N VAL E 159 20.41 -6.57 6.03
CA VAL E 159 19.78 -6.50 4.72
C VAL E 159 19.26 -5.09 4.41
N LEU E 160 19.55 -4.62 3.21
CA LEU E 160 19.01 -3.36 2.69
C LEU E 160 18.06 -3.65 1.53
N VAL E 161 16.87 -3.06 1.57
CA VAL E 161 15.94 -3.07 0.43
C VAL E 161 15.51 -1.66 0.06
N PHE E 162 16.02 -1.14 -1.06
CA PHE E 162 15.68 0.21 -1.52
C PHE E 162 15.05 0.16 -2.90
N VAL E 163 14.18 1.13 -3.19
CA VAL E 163 13.84 1.39 -4.58
C VAL E 163 14.50 2.69 -5.03
N VAL E 164 15.26 2.61 -6.13
CA VAL E 164 16.06 3.72 -6.64
C VAL E 164 16.01 3.78 -8.17
N PRO E 165 16.42 4.92 -8.77
CA PRO E 165 16.58 4.90 -10.22
C PRO E 165 17.58 3.85 -10.68
N ALA E 166 17.43 3.43 -11.93
CA ALA E 166 18.38 2.52 -12.57
C ALA E 166 19.72 3.14 -12.93
N THR E 167 19.83 4.48 -12.86
CA THR E 167 20.96 5.18 -13.47
C THR E 167 22.31 4.73 -12.92
N TRP E 168 22.35 4.36 -11.64
CA TRP E 168 23.59 3.90 -10.98
C TRP E 168 24.20 2.62 -11.59
N LEU E 169 23.39 1.84 -12.31
CA LEU E 169 23.88 0.61 -12.93
C LEU E 169 24.96 0.92 -13.95
N VAL E 170 24.85 2.06 -14.60
CA VAL E 170 25.69 2.37 -15.75
C VAL E 170 26.50 3.68 -15.66
N LEU E 171 26.00 4.65 -14.89
CA LEU E 171 26.59 6.00 -14.93
C LEU E 171 27.87 6.09 -14.13
N GLU E 172 28.74 6.99 -14.61
CA GLU E 172 30.08 7.17 -14.10
C GLU E 172 30.05 7.85 -12.71
N ASP E 173 29.03 8.66 -12.45
CA ASP E 173 28.84 9.28 -11.14
C ASP E 173 28.75 8.26 -10.00
N PHE E 174 28.31 7.05 -10.33
CA PHE E 174 28.06 5.99 -9.35
C PHE E 174 29.09 4.86 -9.47
N ALA E 175 30.23 5.12 -10.10
CA ALA E 175 31.27 4.11 -10.23
C ALA E 175 31.84 3.72 -8.86
N LEU E 176 32.04 4.70 -7.98
CA LEU E 176 32.47 4.42 -6.61
C LEU E 176 31.40 3.67 -5.81
N LEU E 177 30.12 4.03 -6.02
CA LEU E 177 29.03 3.34 -5.33
C LEU E 177 28.98 1.85 -5.67
N ARG E 178 29.13 1.53 -6.96
CA ARG E 178 29.11 0.15 -7.41
C ARG E 178 30.28 -0.64 -6.83
N GLU E 179 31.47 -0.01 -6.81
CA GLU E 179 32.67 -0.61 -6.19
C GLU E 179 32.47 -0.86 -4.70
N PHE E 180 31.95 0.17 -4.01
CA PHE E 180 31.60 0.10 -2.59
C PHE E 180 30.66 -1.08 -2.30
N LEU E 181 29.53 -1.13 -2.99
CA LEU E 181 28.55 -2.20 -2.82
C LEU E 181 29.17 -3.57 -3.05
N ALA E 182 29.95 -3.68 -4.11
CA ALA E 182 30.55 -4.96 -4.51
C ALA E 182 31.58 -5.49 -3.49
N ARG E 183 32.20 -4.60 -2.75
CA ARG E 183 33.18 -4.98 -1.74
C ARG E 183 32.55 -5.12 -0.33
N GLU E 184 31.37 -4.54 -0.15
CA GLU E 184 30.70 -4.50 1.16
C GLU E 184 29.78 -5.69 1.42
N GLY E 185 29.39 -6.38 0.37
CA GLY E 185 28.54 -7.55 0.55
C GLY E 185 28.04 -8.06 -0.78
N LYS E 186 26.86 -8.65 -0.76
CA LYS E 186 26.26 -9.19 -1.96
C LYS E 186 25.02 -8.39 -2.36
N THR E 187 24.84 -8.24 -3.67
CA THR E 187 23.86 -7.32 -4.22
C THR E 187 22.95 -8.06 -5.18
N SER E 188 21.64 -7.86 -5.02
CA SER E 188 20.67 -8.29 -6.00
C SER E 188 19.97 -7.07 -6.57
N VAL E 189 19.94 -6.97 -7.89
CA VAL E 189 19.25 -5.88 -8.58
C VAL E 189 18.05 -6.43 -9.32
N TYR E 190 16.89 -5.80 -9.08
CA TYR E 190 15.63 -6.16 -9.72
C TYR E 190 15.12 -4.99 -10.52
N TYR E 191 15.14 -5.13 -11.85
CA TYR E 191 14.63 -4.10 -12.75
C TYR E 191 13.10 -4.04 -12.67
N LEU E 192 12.58 -2.83 -12.50
CA LEU E 192 11.14 -2.61 -12.51
C LEU E 192 10.75 -1.76 -13.72
N GLY E 193 11.60 -0.80 -14.05
CA GLY E 193 11.29 0.18 -15.07
C GLY E 193 10.41 1.29 -14.51
N GLU E 194 9.55 1.81 -15.38
CA GLU E 194 8.76 2.98 -15.05
C GLU E 194 7.48 2.61 -14.28
N VAL E 195 7.61 2.56 -12.96
CA VAL E 195 6.56 2.05 -12.09
C VAL E 195 5.84 3.14 -11.28
N PHE E 196 6.41 4.34 -11.26
CA PHE E 196 5.84 5.47 -10.55
C PHE E 196 4.97 6.27 -11.50
N PRO E 197 3.65 6.33 -11.23
CA PRO E 197 2.70 7.02 -12.10
C PRO E 197 3.05 8.48 -12.30
N GLN E 198 2.77 9.01 -13.49
CA GLN E 198 3.01 10.42 -13.80
C GLN E 198 4.35 10.90 -13.24
N LYS E 199 5.39 10.10 -13.51
CA LYS E 199 6.74 10.32 -12.99
C LYS E 199 7.72 9.53 -13.83
N LYS E 200 8.69 10.25 -14.40
CA LYS E 200 9.53 9.70 -15.45
C LYS E 200 10.84 9.22 -14.86
N VAL E 201 10.83 7.99 -14.35
CA VAL E 201 12.04 7.40 -13.78
C VAL E 201 11.97 5.90 -13.96
N SER E 202 13.03 5.33 -14.51
CA SER E 202 13.17 3.89 -14.57
C SER E 202 13.80 3.43 -13.29
N ALA E 203 13.08 2.56 -12.58
CA ALA E 203 13.46 2.18 -11.24
C ALA E 203 13.99 0.76 -11.16
N VAL E 204 14.83 0.54 -10.16
CA VAL E 204 15.21 -0.81 -9.74
C VAL E 204 15.02 -0.97 -8.23
N VAL E 205 14.90 -2.20 -7.78
CA VAL E 205 15.02 -2.52 -6.36
C VAL E 205 16.43 -3.08 -6.17
N ILE E 206 17.09 -2.63 -5.11
CA ILE E 206 18.32 -3.26 -4.64
C ILE E 206 18.06 -3.99 -3.32
N ARG E 207 18.39 -5.27 -3.31
CA ARG E 207 18.47 -6.03 -2.09
C ARG E 207 19.95 -6.27 -1.88
N PHE E 208 20.51 -5.60 -0.87
CA PHE E 208 21.91 -5.76 -0.51
C PHE E 208 21.99 -6.41 0.86
N GLN E 209 22.89 -7.39 1.00
CA GLN E 209 23.16 -7.98 2.30
C GLN E 209 24.63 -7.77 2.65
N LYS E 210 24.89 -7.24 3.85
CA LYS E 210 26.25 -6.93 4.29
C LYS E 210 27.02 -8.20 4.69
N SER E 211 27.05 -9.15 3.77
CA SER E 211 27.92 -10.33 3.85
C SER E 211 28.08 -10.92 2.45
N GLY E 212 29.09 -11.77 2.29
CA GLY E 212 29.33 -12.47 1.02
C GLY E 212 29.77 -11.56 -0.10
N LYS E 213 29.43 -11.93 -1.34
CA LYS E 213 29.81 -11.12 -2.50
C LYS E 213 29.02 -11.50 -3.75
N GLY E 214 29.16 -10.67 -4.77
CA GLY E 214 28.64 -10.98 -6.08
C GLY E 214 27.40 -10.17 -6.40
N LEU E 215 27.00 -10.21 -7.66
CA LEU E 215 25.82 -9.51 -8.12
C LEU E 215 24.87 -10.52 -8.72
N SER E 216 23.58 -10.34 -8.44
CA SER E 216 22.56 -11.06 -9.17
C SER E 216 21.68 -10.03 -9.83
N LEU E 217 21.51 -10.16 -11.13
CA LEU E 217 20.60 -9.30 -11.88
C LEU E 217 19.32 -10.05 -12.20
N TRP E 218 18.20 -9.43 -11.87
CA TRP E 218 16.88 -10.00 -12.06
C TRP E 218 16.04 -9.09 -12.94
N ASP E 219 15.28 -9.70 -13.82
CA ASP E 219 14.13 -9.05 -14.40
C ASP E 219 12.93 -9.26 -13.47
N THR E 220 11.84 -8.54 -13.72
CA THR E 220 10.58 -8.79 -13.04
C THR E 220 9.44 -8.86 -14.04
N GLN E 221 8.38 -9.59 -13.69
CA GLN E 221 7.08 -9.47 -14.35
C GLN E 221 6.06 -8.99 -13.34
N GLU E 222 5.19 -8.08 -13.77
CA GLU E 222 4.13 -7.53 -12.93
C GLU E 222 3.05 -8.58 -12.67
N SER E 223 2.58 -8.65 -11.43
CA SER E 223 1.44 -9.49 -11.08
C SER E 223 0.28 -8.57 -10.70
N GLU E 224 -0.85 -9.16 -10.32
CA GLU E 224 -1.99 -8.36 -9.88
C GLU E 224 -1.66 -7.53 -8.64
N SER E 225 -0.76 -8.06 -7.81
CA SER E 225 -0.52 -7.54 -6.47
C SER E 225 0.90 -7.02 -6.24
N GLY E 226 1.86 -7.54 -7.00
CA GLY E 226 3.27 -7.17 -6.81
C GLY E 226 4.10 -7.39 -8.06
N PHE E 227 5.28 -7.99 -7.87
CA PHE E 227 6.18 -8.31 -8.97
C PHE E 227 6.75 -9.70 -8.75
N THR E 228 6.91 -10.43 -9.85
CA THR E 228 7.54 -11.75 -9.85
C THR E 228 8.96 -11.60 -10.39
N PRO E 229 9.98 -11.87 -9.53
CA PRO E 229 11.37 -11.73 -9.97
C PRO E 229 11.86 -12.93 -10.80
N ILE E 230 12.50 -12.62 -11.93
CA ILE E 230 13.05 -13.64 -12.82
C ILE E 230 14.56 -13.41 -12.92
N LEU E 231 15.34 -14.41 -12.52
CA LEU E 231 16.80 -14.25 -12.55
C LEU E 231 17.26 -14.15 -13.99
N TRP E 232 18.01 -13.08 -14.27
CA TRP E 232 18.56 -12.86 -15.60
C TRP E 232 19.97 -13.41 -15.66
N ALA E 233 20.82 -13.00 -14.72
CA ALA E 233 22.25 -13.34 -14.78
C ALA E 233 22.92 -13.16 -13.42
N GLU E 234 24.04 -13.86 -13.25
CA GLU E 234 24.81 -13.83 -12.01
C GLU E 234 26.25 -13.46 -12.27
N TYR E 235 26.79 -12.61 -11.40
CA TYR E 235 28.19 -12.23 -11.47
C TYR E 235 28.82 -12.38 -10.08
N PRO E 236 29.13 -13.62 -9.68
CA PRO E 236 29.67 -13.91 -8.33
C PRO E 236 30.97 -13.14 -8.01
N HIS E 237 31.60 -12.60 -9.04
CA HIS E 237 32.89 -11.93 -8.90
C HIS E 237 32.84 -10.45 -9.19
N TRP E 238 31.62 -9.90 -9.25
CA TRP E 238 31.38 -8.48 -9.50
C TRP E 238 32.25 -7.62 -8.60
N GLU E 239 32.93 -6.65 -9.22
CA GLU E 239 33.81 -5.72 -8.51
C GLU E 239 33.37 -4.26 -8.74
N GLY E 240 32.18 -4.09 -9.31
CA GLY E 240 31.63 -2.75 -9.52
C GLY E 240 31.54 -2.31 -10.97
N GLU E 241 31.74 -3.27 -11.89
CA GLU E 241 31.57 -3.02 -13.31
C GLU E 241 30.13 -2.57 -13.59
N ILE E 242 29.94 -1.85 -14.70
CA ILE E 242 28.62 -1.44 -15.14
C ILE E 242 27.67 -2.65 -15.18
N ILE E 243 26.40 -2.41 -14.87
CA ILE E 243 25.40 -3.48 -14.84
C ILE E 243 24.50 -3.39 -16.08
N ARG E 244 24.44 -4.50 -16.82
CA ARG E 244 23.77 -4.57 -18.11
C ARG E 244 23.00 -5.88 -18.22
N PHE E 245 21.95 -5.88 -19.04
CA PHE E 245 21.25 -7.10 -19.42
C PHE E 245 21.92 -7.72 -20.64
N GLU E 246 22.94 -8.53 -20.38
CA GLU E 246 23.67 -9.23 -21.42
C GLU E 246 22.93 -10.47 -21.85
N THR E 247 23.02 -10.78 -23.14
CA THR E 247 22.52 -12.03 -23.70
C THR E 247 23.64 -12.65 -24.52
N GLU E 248 23.34 -13.79 -25.15
CA GLU E 248 24.30 -14.44 -26.04
C GLU E 248 24.49 -13.61 -27.32
N GLU E 249 23.42 -12.92 -27.74
CA GLU E 249 23.49 -12.03 -28.89
C GLU E 249 24.45 -10.88 -28.63
N THR E 250 24.29 -10.20 -27.48
CA THR E 250 25.13 -9.03 -27.14
C THR E 250 26.58 -9.43 -26.87
N ARG E 251 26.79 -10.63 -26.35
CA ARG E 251 28.13 -11.11 -26.07
C ARG E 251 28.90 -11.45 -27.34
N LYS E 252 28.25 -12.15 -28.27
CA LYS E 252 28.86 -12.52 -29.55
C LYS E 252 29.26 -11.28 -30.33
N LEU E 253 28.35 -10.31 -30.39
CA LEU E 253 28.60 -9.05 -31.08
C LEU E 253 29.87 -8.38 -30.52
N GLU E 254 29.95 -8.28 -29.20
CA GLU E 254 31.07 -7.62 -28.53
C GLU E 254 32.41 -8.35 -28.69
N ILE E 255 32.40 -9.68 -28.59
CA ILE E 255 33.65 -10.43 -28.70
C ILE E 255 34.15 -10.54 -30.15
N SER E 256 33.21 -10.52 -31.10
CA SER E 256 33.56 -10.61 -32.51
C SER E 256 34.11 -9.29 -33.06
N GLY E 257 33.63 -8.18 -32.51
CA GLY E 257 34.02 -6.87 -33.01
C GLY E 257 35.09 -6.19 -32.19
N MET E 258 35.52 -5.03 -32.68
CA MET E 258 36.43 -4.14 -31.96
C MET E 258 35.56 -3.08 -31.26
N PRO E 259 35.94 -2.66 -30.03
CA PRO E 259 35.17 -1.59 -29.41
C PRO E 259 35.45 -0.25 -30.09
N LEU E 260 34.41 0.53 -30.29
CA LEU E 260 34.52 1.83 -30.92
C LEU E 260 35.63 2.68 -30.28
N GLY E 261 35.77 2.59 -28.96
CA GLY E 261 36.70 3.42 -28.20
C GLY E 261 38.17 3.09 -28.33
N ASP E 262 38.47 1.92 -28.91
CA ASP E 262 39.85 1.57 -29.24
C ASP E 262 40.25 2.18 -30.57
N LEU E 263 39.25 2.59 -31.34
CA LEU E 263 39.46 3.19 -32.66
C LEU E 263 39.40 4.72 -32.66
N PHE E 264 38.79 5.30 -31.64
CA PHE E 264 38.47 6.73 -31.64
C PHE E 264 38.79 7.40 -30.31
N HIS E 265 39.29 8.62 -30.41
CA HIS E 265 39.23 9.55 -29.31
C HIS E 265 37.82 10.07 -29.26
N ILE E 266 37.16 9.89 -28.12
CA ILE E 266 35.79 10.36 -27.99
C ILE E 266 35.73 11.58 -27.08
N ARG E 267 35.27 12.69 -27.65
CA ARG E 267 35.11 13.96 -26.95
C ARG E 267 33.64 14.35 -26.95
N PHE E 268 33.28 15.31 -26.10
CA PHE E 268 31.95 15.91 -26.15
C PHE E 268 32.09 17.34 -26.68
N ALA E 269 30.97 17.85 -27.19
CA ALA E 269 30.90 19.18 -27.74
C ALA E 269 31.18 20.23 -26.68
N ALA E 270 31.66 21.40 -27.12
CA ALA E 270 31.71 22.57 -26.26
C ALA E 270 30.31 22.87 -25.73
N ARG E 271 30.22 23.36 -24.50
CA ARG E 271 28.93 23.58 -23.85
C ARG E 271 28.38 24.97 -24.15
N SER E 272 27.12 25.20 -23.80
CA SER E 272 26.44 26.46 -24.09
C SER E 272 27.22 27.72 -23.66
N PRO E 273 27.76 27.77 -22.42
CA PRO E 273 28.44 28.98 -21.96
C PRO E 273 29.72 29.31 -22.75
N GLU E 274 30.41 28.28 -23.25
CA GLU E 274 31.61 28.43 -24.08
C GLU E 274 31.32 29.16 -25.39
N PHE E 275 30.15 28.92 -25.97
CA PHE E 275 29.68 29.70 -27.12
C PHE E 275 29.22 31.09 -26.72
N LYS E 276 28.48 31.17 -25.60
CA LYS E 276 28.00 32.46 -25.09
C LYS E 276 29.11 33.49 -24.95
N LYS E 277 30.23 33.07 -24.39
CA LYS E 277 31.37 33.94 -24.12
C LYS E 277 32.14 34.33 -25.38
N HIS E 278 32.03 33.52 -26.44
CA HIS E 278 32.81 33.74 -27.66
C HIS E 278 32.41 35.02 -28.40
N PRO E 279 33.39 35.91 -28.67
CA PRO E 279 33.09 37.26 -29.19
C PRO E 279 32.45 37.32 -30.58
N ALA E 280 32.45 36.23 -31.33
CA ALA E 280 31.82 36.19 -32.66
C ALA E 280 30.47 35.45 -32.69
N VAL E 281 29.96 35.10 -31.52
CA VAL E 281 28.70 34.38 -31.42
C VAL E 281 27.52 35.35 -31.25
N ARG E 282 26.51 35.19 -32.09
CA ARG E 282 25.32 36.06 -32.10
C ARG E 282 24.05 35.28 -31.80
N LYS E 283 23.02 36.01 -31.36
CA LYS E 283 21.70 35.46 -31.03
C LYS E 283 20.78 35.47 -32.23
N GLU E 284 21.28 36.05 -33.31
CA GLU E 284 20.48 36.28 -34.50
C GLU E 284 21.20 35.78 -35.74
N PRO E 285 20.44 35.24 -36.72
CA PRO E 285 20.98 34.90 -38.03
C PRO E 285 21.56 36.14 -38.69
N GLY E 286 22.39 35.95 -39.72
CA GLY E 286 22.95 37.08 -40.43
C GLY E 286 24.16 36.73 -41.29
N PRO E 287 24.77 37.77 -41.90
CA PRO E 287 25.94 37.68 -42.77
C PRO E 287 27.06 36.79 -42.23
N GLY E 288 27.35 35.70 -42.95
CA GLY E 288 28.47 34.82 -42.62
C GLY E 288 28.34 34.04 -41.31
N LEU E 289 27.10 33.87 -40.86
CA LEU E 289 26.84 33.14 -39.64
C LEU E 289 26.16 31.82 -39.93
N VAL E 290 26.68 30.78 -39.29
CA VAL E 290 26.18 29.43 -39.40
C VAL E 290 25.58 29.06 -38.04
N PRO E 291 24.51 28.23 -38.02
CA PRO E 291 23.89 27.85 -36.75
C PRO E 291 24.82 27.00 -35.90
N VAL E 292 24.81 27.22 -34.60
CA VAL E 292 25.49 26.33 -33.67
C VAL E 292 24.56 25.12 -33.47
N LEU E 293 25.07 23.94 -33.82
CA LEU E 293 24.22 22.76 -33.92
C LEU E 293 23.96 22.10 -32.55
N THR E 294 22.77 21.52 -32.40
CA THR E 294 22.42 20.77 -31.18
C THR E 294 22.08 19.34 -31.55
N GLY E 295 21.62 18.57 -30.57
CA GLY E 295 21.15 17.20 -30.80
C GLY E 295 19.97 17.10 -31.75
N ARG E 296 19.22 18.19 -31.90
CA ARG E 296 18.09 18.22 -32.84
C ARG E 296 18.56 18.30 -34.30
N ASN E 297 19.80 18.74 -34.52
CA ASN E 297 20.35 18.79 -35.87
C ASN E 297 20.90 17.45 -36.33
N LEU E 298 21.14 16.54 -35.38
CA LEU E 298 21.68 15.22 -35.69
C LEU E 298 20.57 14.23 -36.03
N LYS E 299 20.71 13.58 -37.17
CA LYS E 299 19.69 12.68 -37.70
C LYS E 299 20.35 11.36 -38.08
N PRO E 300 19.55 10.27 -38.19
CA PRO E 300 20.18 9.02 -38.61
C PRO E 300 20.72 9.11 -40.03
N GLY E 301 22.05 9.23 -40.15
CA GLY E 301 22.73 9.26 -41.45
C GLY E 301 22.95 10.63 -42.07
N TRP E 302 22.52 11.68 -41.39
CA TRP E 302 22.66 13.02 -41.95
C TRP E 302 22.54 14.10 -40.87
N VAL E 303 22.77 15.35 -41.28
CA VAL E 303 22.76 16.51 -40.40
C VAL E 303 21.87 17.60 -40.97
N ASP E 304 21.02 18.16 -40.13
CA ASP E 304 20.26 19.34 -40.50
C ASP E 304 21.10 20.59 -40.23
N TYR E 305 21.59 21.21 -41.30
CA TYR E 305 22.48 22.37 -41.19
C TYR E 305 21.75 23.70 -41.11
N GLU E 306 20.44 23.67 -41.33
CA GLU E 306 19.61 24.87 -41.48
C GLU E 306 18.97 25.34 -40.17
N LYS E 307 18.08 24.51 -39.64
CA LYS E 307 17.31 24.84 -38.44
C LYS E 307 18.20 25.12 -37.25
N ASN E 308 17.84 26.17 -36.51
CA ASN E 308 18.55 26.56 -35.30
C ASN E 308 17.72 26.22 -34.06
N HIS E 309 18.34 25.45 -33.17
CA HIS E 309 17.69 25.01 -31.94
C HIS E 309 18.44 25.55 -30.72
N SER E 310 19.58 26.20 -30.98
CA SER E 310 20.46 26.66 -29.92
C SER E 310 20.22 28.11 -29.55
N GLY E 311 19.75 28.90 -30.51
CA GLY E 311 19.58 30.34 -30.34
C GLY E 311 20.90 31.06 -30.58
N LEU E 312 21.86 30.33 -31.15
CA LEU E 312 23.21 30.86 -31.34
C LEU E 312 23.71 30.68 -32.77
N TRP E 313 24.42 31.70 -33.26
CA TRP E 313 24.98 31.72 -34.60
C TRP E 313 26.42 32.17 -34.51
N MET E 314 27.25 31.72 -35.42
CA MET E 314 28.66 32.11 -35.45
C MET E 314 29.28 31.81 -36.82
N PRO E 315 30.45 32.41 -37.12
CA PRO E 315 31.12 32.09 -38.36
C PRO E 315 31.72 30.68 -38.30
N LYS E 316 31.38 29.87 -39.29
CA LYS E 316 31.81 28.47 -39.36
C LYS E 316 33.33 28.30 -39.18
N GLU E 317 34.10 29.23 -39.76
CA GLU E 317 35.55 29.12 -39.80
C GLU E 317 36.21 29.46 -38.45
N ARG E 318 35.40 30.00 -37.54
CA ARG E 318 35.86 30.31 -36.18
C ARG E 318 35.51 29.20 -35.19
N ALA E 319 34.76 28.19 -35.64
CA ALA E 319 34.33 27.06 -34.80
C ALA E 319 35.47 26.38 -34.05
N LYS E 320 36.61 26.21 -34.73
CA LYS E 320 37.77 25.51 -34.18
C LYS E 320 38.36 26.16 -32.92
N GLU E 321 37.99 27.41 -32.66
CA GLU E 321 38.42 28.12 -31.45
C GLU E 321 37.73 27.55 -30.20
N LEU E 322 36.56 26.95 -30.39
CA LEU E 322 35.91 26.25 -29.29
C LEU E 322 36.52 24.85 -29.13
N ARG E 323 36.49 24.08 -30.21
CA ARG E 323 37.16 22.77 -30.27
C ARG E 323 37.94 22.60 -31.58
N ASP E 324 39.23 22.28 -31.45
CA ASP E 324 40.09 21.90 -32.58
C ASP E 324 39.37 21.05 -33.62
N PHE E 325 38.69 20.01 -33.15
CA PHE E 325 38.12 19.01 -34.04
C PHE E 325 36.90 19.47 -34.85
N TYR E 326 36.38 20.67 -34.55
CA TYR E 326 35.34 21.29 -35.38
C TYR E 326 35.86 21.73 -36.75
N ALA E 327 37.18 21.74 -36.89
CA ALA E 327 37.83 22.14 -38.14
C ALA E 327 37.77 21.06 -39.22
N THR E 328 37.65 19.79 -38.82
CA THR E 328 37.64 18.70 -39.80
C THR E 328 36.37 17.85 -39.72
N PRO E 329 35.88 17.37 -40.89
CA PRO E 329 34.74 16.46 -40.91
C PRO E 329 35.03 15.23 -40.06
N HIS E 330 34.06 14.80 -39.28
CA HIS E 330 34.25 13.71 -38.34
C HIS E 330 32.90 13.10 -37.99
N LEU E 331 32.95 11.99 -37.26
CA LEU E 331 31.76 11.26 -36.82
C LEU E 331 31.13 11.93 -35.59
N VAL E 332 29.82 12.16 -35.68
CA VAL E 332 29.01 12.69 -34.57
C VAL E 332 28.01 11.61 -34.16
N VAL E 333 27.93 11.36 -32.85
CA VAL E 333 26.99 10.37 -32.31
C VAL E 333 26.11 11.04 -31.24
N ALA E 334 24.82 10.70 -31.26
CA ALA E 334 23.83 11.34 -30.41
C ALA E 334 23.91 10.93 -28.93
N HIS E 335 23.54 11.87 -28.06
CA HIS E 335 23.62 11.66 -26.63
C HIS E 335 22.24 11.66 -25.99
N THR E 336 21.30 12.43 -26.53
CA THR E 336 20.01 12.59 -25.88
C THR E 336 18.84 12.32 -26.83
N LYS E 337 18.86 11.11 -27.40
CA LYS E 337 17.73 10.59 -28.17
C LYS E 337 17.22 9.28 -27.56
N GLY E 338 17.51 9.09 -26.27
CA GLY E 338 17.16 7.84 -25.58
C GLY E 338 18.24 6.81 -25.80
N THR E 339 18.01 5.57 -25.35
CA THR E 339 18.98 4.51 -25.56
C THR E 339 18.90 4.00 -27.00
N ARG E 340 19.68 4.65 -27.86
CA ARG E 340 19.69 4.45 -29.29
C ARG E 340 21.04 4.89 -29.81
N VAL E 341 21.39 4.46 -31.01
CA VAL E 341 22.63 4.89 -31.64
C VAL E 341 22.30 5.64 -32.93
N VAL E 342 22.29 6.96 -32.82
CA VAL E 342 22.06 7.83 -33.95
C VAL E 342 23.38 8.53 -34.31
N ALA E 343 23.93 8.17 -35.48
CA ALA E 343 25.23 8.67 -35.94
C ALA E 343 25.13 9.38 -37.28
N ALA E 344 25.98 10.38 -37.49
CA ALA E 344 26.14 11.02 -38.80
C ALA E 344 27.57 11.51 -38.97
N TRP E 345 28.01 11.58 -40.22
CA TRP E 345 29.28 12.19 -40.58
C TRP E 345 29.04 13.66 -40.93
N ASP E 346 29.54 14.55 -40.08
CA ASP E 346 29.44 15.97 -40.35
C ASP E 346 30.50 16.35 -41.38
N GLU E 347 30.08 16.35 -42.65
CA GLU E 347 31.00 16.61 -43.76
C GLU E 347 31.33 18.10 -43.93
N ARG E 348 30.48 18.97 -43.36
CA ARG E 348 30.69 20.41 -43.45
C ARG E 348 31.54 21.02 -42.33
N ALA E 349 31.73 20.27 -41.24
CA ALA E 349 32.55 20.70 -40.09
C ALA E 349 32.02 21.96 -39.40
N TYR E 350 30.81 21.84 -38.86
CA TYR E 350 30.09 22.92 -38.19
C TYR E 350 30.43 23.03 -36.70
N PRO E 351 30.09 24.18 -36.08
CA PRO E 351 30.12 24.25 -34.62
C PRO E 351 28.96 23.44 -34.02
N TRP E 352 29.27 22.63 -33.01
CA TRP E 352 28.28 21.85 -32.28
C TRP E 352 28.30 22.28 -30.82
N ARG E 353 27.10 22.44 -30.28
CA ARG E 353 26.91 22.68 -28.85
C ARG E 353 26.60 21.38 -28.10
N GLU E 354 26.39 20.28 -28.82
CA GLU E 354 26.01 19.00 -28.22
C GLU E 354 26.65 17.80 -28.91
N GLU E 355 26.50 16.62 -28.28
CA GLU E 355 26.76 15.32 -28.89
C GLU E 355 28.23 14.87 -28.79
N PHE E 356 28.44 13.57 -29.00
CA PHE E 356 29.77 13.00 -29.02
C PHE E 356 30.46 13.24 -30.35
N HIS E 357 31.74 13.53 -30.27
CA HIS E 357 32.56 13.72 -31.45
C HIS E 357 33.72 12.75 -31.40
N LEU E 358 33.81 11.95 -32.45
CA LEU E 358 34.75 10.84 -32.47
C LEU E 358 35.76 11.06 -33.57
N LEU E 359 37.02 11.08 -33.17
CA LEU E 359 38.14 11.38 -34.04
C LEU E 359 39.04 10.15 -34.07
N PRO E 360 39.41 9.70 -35.28
CA PRO E 360 40.17 8.46 -35.42
C PRO E 360 41.52 8.51 -34.72
N LYS E 361 41.87 7.42 -34.04
CA LYS E 361 43.19 7.33 -33.43
C LYS E 361 44.26 7.21 -34.52
N GLU E 362 45.50 7.51 -34.16
CA GLU E 362 46.61 7.44 -35.11
C GLU E 362 46.71 6.01 -35.62
N GLY E 363 46.75 5.86 -36.94
CA GLY E 363 46.77 4.54 -37.58
C GLY E 363 45.40 4.03 -37.97
N VAL E 364 44.35 4.63 -37.42
CA VAL E 364 42.98 4.25 -37.77
C VAL E 364 42.53 5.06 -38.97
N ARG E 365 42.04 4.36 -40.00
CA ARG E 365 41.44 5.01 -41.16
C ARG E 365 40.02 4.50 -41.35
N LEU E 366 39.13 5.38 -41.81
CA LEU E 366 37.69 5.11 -41.77
C LEU E 366 37.04 5.04 -43.14
N ASP E 367 35.91 4.35 -43.20
CA ASP E 367 34.98 4.48 -44.31
C ASP E 367 33.66 5.04 -43.74
N PRO E 368 33.53 6.38 -43.71
CA PRO E 368 32.43 7.07 -43.03
C PRO E 368 31.03 6.55 -43.37
N SER E 369 30.75 6.27 -44.64
CA SER E 369 29.41 5.83 -45.03
C SER E 369 29.07 4.44 -44.46
N SER E 370 30.00 3.50 -44.52
CA SER E 370 29.79 2.16 -43.94
C SER E 370 29.63 2.22 -42.43
N LEU E 371 30.46 3.03 -41.77
CA LEU E 371 30.43 3.14 -40.33
C LEU E 371 29.11 3.76 -39.87
N VAL E 372 28.68 4.81 -40.56
CA VAL E 372 27.42 5.49 -40.24
C VAL E 372 26.21 4.56 -40.43
N GLN E 373 26.21 3.77 -41.50
CA GLN E 373 25.09 2.86 -41.74
C GLN E 373 25.11 1.69 -40.74
N TRP E 374 26.29 1.27 -40.32
CA TRP E 374 26.45 0.23 -39.31
C TRP E 374 25.94 0.69 -37.95
N LEU E 375 26.41 1.87 -37.51
CA LEU E 375 25.99 2.45 -36.22
C LEU E 375 24.48 2.74 -36.16
N ASN E 376 23.90 3.14 -37.28
CA ASN E 376 22.47 3.42 -37.36
C ASN E 376 21.62 2.17 -37.58
N SER E 377 22.27 1.01 -37.76
CA SER E 377 21.57 -0.24 -38.06
C SER E 377 20.59 -0.64 -36.96
N GLU E 378 19.51 -1.33 -37.35
CA GLU E 378 18.55 -1.84 -36.38
C GLU E 378 19.22 -2.84 -35.46
N ALA E 379 20.15 -3.62 -36.02
CA ALA E 379 20.97 -4.54 -35.24
C ALA E 379 21.64 -3.83 -34.05
N MET E 380 22.17 -2.64 -34.29
CA MET E 380 22.79 -1.83 -33.24
C MET E 380 21.76 -1.29 -32.24
N GLN E 381 20.61 -0.83 -32.74
CA GLN E 381 19.54 -0.32 -31.89
C GLN E 381 19.07 -1.39 -30.91
N LYS E 382 18.87 -2.60 -31.42
CA LYS E 382 18.55 -3.78 -30.61
C LYS E 382 19.64 -4.07 -29.55
N HIS E 383 20.90 -4.07 -29.97
CA HIS E 383 22.06 -4.33 -29.09
C HIS E 383 22.06 -3.43 -27.84
N VAL E 384 21.93 -2.12 -28.05
CA VAL E 384 21.94 -1.16 -26.92
C VAL E 384 20.67 -1.19 -26.07
N ARG E 385 19.52 -1.44 -26.69
CA ARG E 385 18.27 -1.56 -25.94
C ARG E 385 18.25 -2.82 -25.09
N THR E 386 18.83 -3.90 -25.62
CA THR E 386 18.96 -5.13 -24.83
C THR E 386 19.80 -4.87 -23.58
N LEU E 387 20.97 -4.28 -23.79
CA LEU E 387 21.94 -4.07 -22.71
C LEU E 387 21.49 -3.06 -21.66
N TYR E 388 20.95 -1.93 -22.10
CA TYR E 388 20.74 -0.77 -21.23
C TYR E 388 19.26 -0.38 -21.06
N ARG E 389 18.38 -1.11 -21.74
CA ARG E 389 16.95 -0.88 -21.67
C ARG E 389 16.65 0.61 -21.61
N ASP E 390 16.09 1.07 -20.50
CA ASP E 390 15.76 2.49 -20.33
C ASP E 390 16.30 3.04 -19.02
N PHE E 391 17.42 2.51 -18.54
CA PHE E 391 18.03 2.98 -17.30
C PHE E 391 18.15 4.49 -17.32
N VAL E 392 18.75 4.99 -18.41
CA VAL E 392 18.99 6.40 -18.60
C VAL E 392 18.41 6.83 -19.94
N PRO E 393 18.07 8.12 -20.08
CA PRO E 393 17.46 8.66 -21.30
C PRO E 393 18.53 9.15 -22.28
N HIS E 394 19.69 8.51 -22.23
CA HIS E 394 20.85 8.90 -23.03
C HIS E 394 21.53 7.68 -23.64
N LEU E 395 22.38 7.94 -24.63
CA LEU E 395 23.49 7.07 -24.94
C LEU E 395 24.68 7.74 -24.29
N THR E 396 25.31 7.03 -23.36
CA THR E 396 26.45 7.56 -22.62
C THR E 396 27.76 7.18 -23.25
N LEU E 397 28.84 7.83 -22.81
CA LEU E 397 30.20 7.50 -23.23
C LEU E 397 30.55 6.03 -22.95
N ARG E 398 30.17 5.56 -21.78
CA ARG E 398 30.43 4.17 -21.38
C ARG E 398 29.80 3.16 -22.34
N MET E 399 28.59 3.48 -22.82
CA MET E 399 27.90 2.67 -23.81
C MET E 399 28.56 2.79 -25.18
N LEU E 400 28.82 4.03 -25.58
CA LEU E 400 29.34 4.33 -26.91
C LEU E 400 30.70 3.68 -27.17
N GLU E 401 31.61 3.78 -26.22
CA GLU E 401 32.96 3.24 -26.39
C GLU E 401 32.98 1.72 -26.50
N ARG E 402 31.89 1.06 -26.10
CA ARG E 402 31.79 -0.40 -26.11
C ARG E 402 31.04 -0.94 -27.35
N LEU E 403 30.56 -0.05 -28.20
CA LEU E 403 29.91 -0.46 -29.45
C LEU E 403 30.91 -1.21 -30.31
N PRO E 404 30.57 -2.44 -30.71
CA PRO E 404 31.50 -3.26 -31.48
C PRO E 404 31.47 -2.92 -32.97
N VAL E 405 32.66 -2.84 -33.56
CA VAL E 405 32.81 -2.52 -34.98
C VAL E 405 33.77 -3.53 -35.59
N ARG E 406 33.40 -4.05 -36.76
CA ARG E 406 34.30 -4.88 -37.58
C ARG E 406 34.85 -4.03 -38.72
N ARG E 407 36.00 -4.43 -39.28
CA ARG E 407 36.66 -3.59 -40.27
C ARG E 407 35.84 -3.38 -41.54
N GLU E 408 35.14 -4.42 -41.98
CA GLU E 408 34.15 -4.32 -43.08
C GLU E 408 33.08 -3.27 -42.82
N TYR E 409 32.81 -3.01 -41.53
CA TYR E 409 31.82 -2.02 -41.16
C TYR E 409 32.43 -0.63 -40.99
N GLY E 410 33.59 -0.43 -41.60
CA GLY E 410 34.08 0.93 -41.87
C GLY E 410 35.33 1.42 -41.19
N PHE E 411 36.25 0.52 -40.85
CA PHE E 411 37.57 0.93 -40.33
C PHE E 411 38.71 0.04 -40.82
N HIS E 412 39.90 0.62 -40.98
CA HIS E 412 41.11 -0.17 -41.21
C HIS E 412 42.33 0.43 -40.52
N THR E 413 43.31 -0.41 -40.23
CA THR E 413 44.52 0.00 -39.54
C THR E 413 45.76 -0.13 -40.41
N VAL F 21 -12.96 -0.45 32.28
CA VAL F 21 -12.67 -0.19 30.84
C VAL F 21 -12.31 1.29 30.59
N GLU F 22 -11.20 1.51 29.89
CA GLU F 22 -10.66 2.84 29.63
C GLU F 22 -10.28 2.96 28.16
N THR F 23 -10.54 4.14 27.57
CA THR F 23 -10.26 4.37 26.15
C THR F 23 -8.84 4.89 25.96
N PRO F 24 -8.06 4.26 25.05
CA PRO F 24 -6.73 4.73 24.68
C PRO F 24 -6.67 6.22 24.30
N PRO F 25 -5.60 6.92 24.74
CA PRO F 25 -5.37 8.35 24.51
C PRO F 25 -5.47 8.73 23.04
N GLU F 26 -4.89 7.91 22.17
CA GLU F 26 -4.95 8.11 20.72
C GLU F 26 -6.36 8.03 20.16
N VAL F 27 -7.11 7.02 20.57
CA VAL F 27 -8.52 6.91 20.19
C VAL F 27 -9.32 8.11 20.69
N VAL F 28 -9.08 8.50 21.95
CA VAL F 28 -9.66 9.72 22.53
C VAL F 28 -9.25 10.98 21.74
N ASP F 29 -7.96 11.15 21.49
CA ASP F 29 -7.49 12.34 20.80
C ASP F 29 -8.02 12.39 19.37
N PHE F 30 -8.17 11.23 18.75
CA PHE F 30 -8.79 11.15 17.43
C PHE F 30 -10.23 11.67 17.47
N MET F 31 -11.00 11.21 18.44
CA MET F 31 -12.42 11.55 18.55
C MET F 31 -12.62 13.02 18.89
N VAL F 32 -11.79 13.53 19.80
CA VAL F 32 -11.79 14.95 20.15
C VAL F 32 -11.52 15.80 18.91
N SER F 33 -10.62 15.34 18.05
CA SER F 33 -10.30 16.07 16.82
C SER F 33 -11.50 16.14 15.85
N LEU F 34 -12.36 15.12 15.92
CA LEU F 34 -13.60 15.08 15.11
C LEU F 34 -14.73 15.87 15.75
N ALA F 35 -14.62 16.11 17.05
CA ALA F 35 -15.69 16.76 17.81
C ALA F 35 -15.76 18.26 17.54
N GLU F 36 -16.98 18.79 17.53
CA GLU F 36 -17.21 20.23 17.44
C GLU F 36 -18.44 20.68 18.22
N ALA F 37 -18.31 21.83 18.89
CA ALA F 37 -19.44 22.52 19.52
C ALA F 37 -19.22 24.04 19.47
N PRO F 38 -20.32 24.83 19.43
CA PRO F 38 -20.21 26.28 19.55
C PRO F 38 -19.75 26.64 20.96
N ARG F 39 -18.98 27.72 21.10
CA ARG F 39 -18.56 28.16 22.42
C ARG F 39 -19.78 28.64 23.18
N GLY F 40 -19.80 28.33 24.48
CA GLY F 40 -21.01 28.47 25.30
C GLY F 40 -21.98 27.32 25.07
N GLY F 41 -21.57 26.34 24.28
CA GLY F 41 -22.44 25.21 23.91
C GLY F 41 -22.41 24.09 24.93
N ARG F 42 -23.39 23.19 24.81
CA ARG F 42 -23.55 22.08 25.76
C ARG F 42 -22.91 20.79 25.28
N VAL F 43 -21.96 20.30 26.09
CA VAL F 43 -21.13 19.14 25.79
C VAL F 43 -21.40 18.03 26.82
N LEU F 44 -21.83 16.87 26.34
CA LEU F 44 -22.18 15.74 27.20
C LEU F 44 -21.29 14.51 26.97
N GLU F 45 -20.82 13.91 28.07
CA GLU F 45 -20.26 12.56 28.04
C GLU F 45 -21.17 11.60 28.78
N PRO F 46 -21.89 10.73 28.03
CA PRO F 46 -22.66 9.61 28.62
C PRO F 46 -21.74 8.54 29.20
N ALA F 47 -22.22 7.83 30.23
CA ALA F 47 -21.45 6.79 30.92
C ALA F 47 -20.05 7.24 31.29
N CYS F 48 -19.96 8.41 31.93
CA CYS F 48 -18.71 9.19 31.95
C CYS F 48 -17.63 8.79 32.95
N ALA F 49 -18.01 8.08 34.02
CA ALA F 49 -17.12 7.85 35.17
C ALA F 49 -16.41 9.13 35.58
N HIS F 50 -15.09 9.17 35.41
CA HIS F 50 -14.27 10.34 35.80
C HIS F 50 -14.25 11.47 34.76
N GLY F 51 -14.87 11.25 33.61
CA GLY F 51 -14.96 12.25 32.54
C GLY F 51 -13.76 12.44 31.61
N PRO F 52 -13.15 11.35 31.11
CA PRO F 52 -11.97 11.48 30.24
C PRO F 52 -12.20 12.32 29.00
N PHE F 53 -13.38 12.17 28.38
CA PHE F 53 -13.69 12.90 27.14
C PHE F 53 -14.00 14.37 27.41
N LEU F 54 -14.61 14.64 28.56
CA LEU F 54 -14.85 16.00 29.00
C LEU F 54 -13.54 16.73 29.28
N ARG F 55 -12.62 16.04 29.95
CA ARG F 55 -11.28 16.55 30.20
C ARG F 55 -10.53 16.77 28.87
N ALA F 56 -10.56 15.76 28.00
CA ALA F 56 -9.87 15.85 26.71
C ALA F 56 -10.37 16.95 25.79
N PHE F 57 -11.69 17.21 25.82
CA PHE F 57 -12.27 18.27 24.99
C PHE F 57 -11.92 19.66 25.53
N ARG F 58 -11.99 19.82 26.85
CA ARG F 58 -11.64 21.07 27.51
C ARG F 58 -10.16 21.39 27.32
N GLU F 59 -9.30 20.39 27.49
CA GLU F 59 -7.86 20.52 27.25
C GLU F 59 -7.54 21.01 25.84
N ALA F 60 -8.41 20.67 24.89
CA ALA F 60 -8.19 21.00 23.50
C ALA F 60 -8.92 22.27 23.06
N HIS F 61 -10.18 22.42 23.45
CA HIS F 61 -11.02 23.51 22.92
C HIS F 61 -11.28 24.64 23.92
N GLY F 62 -10.83 24.46 25.16
CA GLY F 62 -10.95 25.51 26.17
C GLY F 62 -12.14 25.36 27.09
N THR F 63 -12.31 26.36 27.95
CA THR F 63 -13.22 26.29 29.09
C THR F 63 -14.64 26.76 28.77
N ALA F 64 -14.81 27.46 27.65
CA ALA F 64 -16.09 28.12 27.35
C ALA F 64 -17.19 27.18 26.84
N TYR F 65 -17.43 26.11 27.59
CA TYR F 65 -18.49 25.15 27.29
C TYR F 65 -19.13 24.64 28.57
N ARG F 66 -20.43 24.35 28.49
CA ARG F 66 -21.12 23.63 29.55
C ARG F 66 -20.76 22.15 29.43
N PHE F 67 -19.97 21.65 30.39
CA PHE F 67 -19.55 20.25 30.44
C PHE F 67 -20.43 19.41 31.35
N VAL F 68 -21.06 18.39 30.77
CA VAL F 68 -22.00 17.57 31.49
C VAL F 68 -21.58 16.10 31.44
N GLY F 69 -21.72 15.42 32.56
CA GLY F 69 -21.43 14.00 32.65
C GLY F 69 -22.56 13.21 33.27
N VAL F 70 -22.97 12.15 32.61
CA VAL F 70 -23.98 11.24 33.15
C VAL F 70 -23.33 9.89 33.48
N GLU F 71 -23.53 9.45 34.72
CA GLU F 71 -22.97 8.20 35.20
C GLU F 71 -23.98 7.55 36.14
N ILE F 72 -24.22 6.25 35.97
CA ILE F 72 -25.19 5.52 36.78
C ILE F 72 -24.66 5.08 38.15
N ASP F 73 -23.34 4.93 38.23
CA ASP F 73 -22.69 4.39 39.42
C ASP F 73 -21.98 5.51 40.19
N PRO F 74 -22.50 5.87 41.39
CA PRO F 74 -21.97 6.96 42.23
C PRO F 74 -20.51 6.78 42.65
N LYS F 75 -20.03 5.55 42.70
CA LYS F 75 -18.61 5.26 42.97
C LYS F 75 -17.74 5.67 41.79
N ALA F 76 -18.34 5.68 40.60
CA ALA F 76 -17.62 5.93 39.36
C ALA F 76 -17.64 7.42 38.97
N LEU F 77 -18.71 8.12 39.32
CA LEU F 77 -18.85 9.54 38.95
C LEU F 77 -17.89 10.41 39.74
N ASP F 78 -16.88 10.94 39.06
CA ASP F 78 -15.86 11.77 39.70
C ASP F 78 -15.36 12.85 38.75
N LEU F 79 -16.20 13.86 38.55
CA LEU F 79 -15.90 14.97 37.66
C LEU F 79 -15.34 16.19 38.40
N PRO F 80 -14.46 16.96 37.76
CA PRO F 80 -13.96 18.17 38.41
C PRO F 80 -15.08 19.21 38.58
N PRO F 81 -14.90 20.17 39.52
CA PRO F 81 -15.91 21.22 39.81
C PRO F 81 -16.43 21.99 38.59
N TRP F 82 -15.64 22.07 37.53
CA TRP F 82 -16.06 22.79 36.31
C TRP F 82 -17.12 22.04 35.47
N ALA F 83 -17.30 20.76 35.78
CA ALA F 83 -18.27 19.94 35.07
C ALA F 83 -19.55 19.76 35.89
N GLU F 84 -20.67 19.53 35.21
CA GLU F 84 -21.90 19.14 35.90
C GLU F 84 -22.08 17.62 35.85
N GLY F 85 -22.09 16.98 37.02
CA GLY F 85 -22.22 15.52 37.11
C GLY F 85 -23.64 15.08 37.41
N ILE F 86 -24.12 14.06 36.72
CA ILE F 86 -25.50 13.61 36.89
C ILE F 86 -25.57 12.12 37.15
N LEU F 87 -26.22 11.74 38.24
CA LEU F 87 -26.41 10.33 38.57
C LEU F 87 -27.70 9.85 37.96
N ALA F 88 -27.59 9.02 36.92
CA ALA F 88 -28.75 8.48 36.23
C ALA F 88 -28.36 7.36 35.27
N ASP F 89 -29.35 6.56 34.90
CA ASP F 89 -29.25 5.70 33.74
C ASP F 89 -29.45 6.65 32.58
N PHE F 90 -28.41 6.79 31.76
CA PHE F 90 -28.44 7.67 30.61
C PHE F 90 -29.58 7.29 29.67
N LEU F 91 -29.87 6.00 29.60
CA LEU F 91 -30.92 5.51 28.72
C LEU F 91 -32.32 5.93 29.16
N LEU F 92 -32.48 6.27 30.45
CA LEU F 92 -33.78 6.69 31.00
C LEU F 92 -33.79 8.17 31.39
N TRP F 93 -32.66 8.85 31.18
CA TRP F 93 -32.49 10.24 31.57
C TRP F 93 -33.21 11.20 30.61
N GLU F 94 -33.93 12.16 31.17
CA GLU F 94 -34.56 13.20 30.35
C GLU F 94 -34.06 14.58 30.77
N PRO F 95 -33.09 15.14 30.03
CA PRO F 95 -32.61 16.49 30.32
C PRO F 95 -33.64 17.53 29.91
N GLY F 96 -33.65 18.67 30.58
CA GLY F 96 -34.55 19.75 30.23
C GLY F 96 -34.08 20.47 28.98
N GLU F 97 -32.89 20.13 28.52
CA GLU F 97 -32.29 20.77 27.37
C GLU F 97 -31.39 19.81 26.57
N ALA F 98 -31.53 19.89 25.25
CA ALA F 98 -30.72 19.09 24.32
C ALA F 98 -29.29 19.61 24.24
N PHE F 99 -28.44 18.88 23.51
CA PHE F 99 -26.99 19.08 23.53
C PHE F 99 -26.38 19.40 22.17
N ASP F 100 -25.31 20.19 22.17
CA ASP F 100 -24.55 20.52 20.95
C ASP F 100 -23.62 19.40 20.52
N LEU F 101 -22.88 18.87 21.49
CA LEU F 101 -21.95 17.80 21.27
C LEU F 101 -22.19 16.71 22.30
N ILE F 102 -22.26 15.47 21.82
CA ILE F 102 -22.26 14.32 22.69
C ILE F 102 -21.07 13.46 22.24
N LEU F 103 -20.17 13.20 23.18
CA LEU F 103 -19.02 12.34 22.89
C LEU F 103 -18.76 11.35 24.00
N GLY F 104 -18.19 10.22 23.62
CA GLY F 104 -17.77 9.25 24.60
C GLY F 104 -17.68 7.84 24.07
N ASN F 105 -17.54 6.91 25.02
CA ASN F 105 -17.44 5.51 24.72
C ASN F 105 -18.51 4.81 25.54
N PRO F 106 -19.64 4.44 24.90
CA PRO F 106 -20.71 3.84 25.69
C PRO F 106 -20.37 2.40 26.10
N PRO F 107 -21.08 1.85 27.11
CA PRO F 107 -20.90 0.43 27.40
C PRO F 107 -21.40 -0.46 26.25
N TYR F 108 -20.64 -1.52 25.97
CA TYR F 108 -21.03 -2.52 24.97
C TYR F 108 -21.48 -3.78 25.69
N GLY F 109 -22.61 -4.33 25.27
CA GLY F 109 -23.03 -5.63 25.77
C GLY F 109 -24.50 -5.93 25.56
N ILE F 110 -24.81 -7.21 25.40
CA ILE F 110 -26.19 -7.67 25.36
C ILE F 110 -26.71 -7.74 26.79
N VAL F 111 -27.93 -7.24 26.98
CA VAL F 111 -28.62 -7.37 28.25
C VAL F 111 -29.38 -8.70 28.30
N GLY F 112 -29.04 -9.51 29.29
CA GLY F 112 -29.70 -10.78 29.48
C GLY F 112 -29.18 -11.57 30.66
N GLU F 113 -29.72 -12.77 30.81
CA GLU F 113 -29.39 -13.70 31.89
C GLU F 113 -27.88 -13.89 32.00
N ALA F 114 -27.37 -13.88 33.23
CA ALA F 114 -25.93 -13.87 33.51
C ALA F 114 -25.16 -15.08 32.97
N SER F 115 -25.84 -16.20 32.78
CA SER F 115 -25.21 -17.41 32.25
C SER F 115 -24.69 -17.21 30.83
N LYS F 116 -25.41 -16.42 30.03
CA LYS F 116 -25.06 -16.20 28.64
C LYS F 116 -24.58 -14.77 28.33
N TYR F 117 -25.10 -13.79 29.08
CA TYR F 117 -24.92 -12.38 28.72
C TYR F 117 -24.29 -11.51 29.82
N PRO F 118 -23.45 -10.52 29.42
CA PRO F 118 -22.69 -9.71 30.38
C PRO F 118 -23.45 -8.58 31.09
N ILE F 119 -24.54 -8.08 30.50
CA ILE F 119 -25.25 -6.95 31.11
C ILE F 119 -26.50 -7.41 31.85
N HIS F 120 -26.50 -7.17 33.16
CA HIS F 120 -27.56 -7.61 34.04
C HIS F 120 -28.33 -6.42 34.59
N VAL F 121 -29.61 -6.36 34.25
CA VAL F 121 -30.53 -5.36 34.75
C VAL F 121 -31.83 -6.06 35.12
N PHE F 122 -32.60 -5.44 36.02
CA PHE F 122 -33.95 -5.90 36.36
C PHE F 122 -34.84 -5.83 35.13
N LYS F 123 -35.72 -6.82 34.97
CA LYS F 123 -36.53 -6.98 33.76
C LYS F 123 -37.33 -5.73 33.39
N ALA F 124 -37.94 -5.09 34.39
CA ALA F 124 -38.73 -3.87 34.17
C ALA F 124 -37.92 -2.77 33.50
N VAL F 125 -36.63 -2.71 33.84
CA VAL F 125 -35.71 -1.72 33.25
C VAL F 125 -35.45 -2.04 31.77
N LYS F 126 -35.17 -3.31 31.45
CA LYS F 126 -35.06 -3.73 30.05
C LYS F 126 -36.36 -3.47 29.28
N ASP F 127 -37.50 -3.73 29.92
CA ASP F 127 -38.80 -3.44 29.33
C ASP F 127 -38.97 -1.94 29.06
N LEU F 128 -38.41 -1.11 29.93
CA LEU F 128 -38.36 0.34 29.73
C LEU F 128 -37.50 0.74 28.52
N TYR F 129 -36.35 0.08 28.37
CA TYR F 129 -35.49 0.29 27.21
C TYR F 129 -36.24 -0.01 25.91
N LYS F 130 -36.88 -1.17 25.83
CA LYS F 130 -37.60 -1.59 24.64
C LYS F 130 -38.71 -0.61 24.25
N LYS F 131 -39.37 -0.06 25.27
CA LYS F 131 -40.45 0.90 25.08
C LYS F 131 -39.92 2.23 24.57
N ALA F 132 -38.78 2.66 25.14
CA ALA F 132 -38.21 3.96 24.83
C ALA F 132 -37.46 4.00 23.50
N PHE F 133 -36.85 2.87 23.11
CA PHE F 133 -35.97 2.88 21.93
C PHE F 133 -36.55 2.24 20.68
N SER F 134 -36.79 3.07 19.66
CA SER F 134 -37.38 2.62 18.39
C SER F 134 -36.45 1.74 17.56
N THR F 135 -35.16 1.73 17.91
CA THR F 135 -34.17 0.97 17.14
C THR F 135 -33.91 -0.42 17.74
N TRP F 136 -34.46 -0.66 18.93
CA TRP F 136 -34.21 -1.90 19.66
C TRP F 136 -34.70 -3.10 18.87
N LYS F 137 -33.79 -4.05 18.59
CA LYS F 137 -34.13 -5.22 17.77
C LYS F 137 -33.40 -6.47 18.24
N GLY F 138 -34.12 -7.60 18.23
CA GLY F 138 -33.58 -8.86 18.70
C GLY F 138 -33.11 -8.71 20.11
N LYS F 139 -31.98 -9.35 20.42
CA LYS F 139 -31.35 -9.20 21.72
C LYS F 139 -30.78 -7.79 21.89
N TYR F 140 -30.33 -7.20 20.78
CA TYR F 140 -29.80 -5.85 20.71
C TYR F 140 -28.56 -5.66 21.58
N ASN F 141 -28.25 -4.42 21.94
CA ASN F 141 -27.01 -4.09 22.62
C ASN F 141 -27.08 -2.69 23.24
N LEU F 142 -26.47 -2.52 24.40
CA LEU F 142 -26.43 -1.21 25.08
C LEU F 142 -25.86 -0.09 24.21
N TYR F 143 -24.87 -0.42 23.37
CA TYR F 143 -24.22 0.61 22.57
C TYR F 143 -25.11 1.19 21.48
N GLY F 144 -26.02 0.36 20.95
CA GLY F 144 -27.06 0.80 20.01
C GLY F 144 -28.14 1.66 20.66
N ALA F 145 -28.55 1.27 21.87
CA ALA F 145 -29.46 2.08 22.69
C ALA F 145 -28.83 3.44 23.02
N PHE F 146 -27.55 3.41 23.43
CA PHE F 146 -26.77 4.62 23.71
C PHE F 146 -26.68 5.53 22.49
N LEU F 147 -26.44 4.96 21.32
CA LEU F 147 -26.46 5.72 20.05
C LEU F 147 -27.80 6.39 19.78
N GLU F 148 -28.89 5.64 19.89
CA GLU F 148 -30.22 6.20 19.64
C GLU F 148 -30.55 7.33 20.61
N LYS F 149 -30.33 7.06 21.90
CA LYS F 149 -30.59 8.04 22.95
C LYS F 149 -29.79 9.32 22.70
N ALA F 150 -28.51 9.15 22.38
CA ALA F 150 -27.61 10.26 22.09
C ALA F 150 -28.16 11.14 20.97
N VAL F 151 -28.64 10.51 19.90
CA VAL F 151 -29.15 11.24 18.74
C VAL F 151 -30.40 12.02 19.11
N ARG F 152 -31.25 11.40 19.93
CA ARG F 152 -32.47 12.03 20.43
C ARG F 152 -32.19 13.21 21.39
N LEU F 153 -31.00 13.23 21.98
CA LEU F 153 -30.60 14.31 22.89
C LEU F 153 -29.80 15.41 22.18
N LEU F 154 -29.62 15.25 20.88
CA LEU F 154 -28.90 16.20 20.05
C LEU F 154 -29.78 17.37 19.63
N LYS F 155 -29.20 18.57 19.64
CA LYS F 155 -29.83 19.74 19.04
C LYS F 155 -29.81 19.60 17.52
N PRO F 156 -30.86 20.08 16.83
CA PRO F 156 -30.77 20.19 15.37
C PRO F 156 -29.40 20.74 14.99
N GLY F 157 -28.65 19.99 14.18
CA GLY F 157 -27.30 20.39 13.77
C GLY F 157 -26.21 19.90 14.72
N GLY F 158 -26.62 19.24 15.80
CA GLY F 158 -25.69 18.75 16.83
C GLY F 158 -24.84 17.58 16.37
N VAL F 159 -23.72 17.37 17.05
CA VAL F 159 -22.75 16.36 16.66
C VAL F 159 -22.58 15.28 17.74
N LEU F 160 -22.56 14.03 17.31
CA LEU F 160 -22.27 12.89 18.17
C LEU F 160 -20.94 12.24 17.74
N VAL F 161 -20.09 11.92 18.70
CA VAL F 161 -18.84 11.19 18.42
C VAL F 161 -18.69 10.05 19.43
N PHE F 162 -18.91 8.82 18.97
CA PHE F 162 -18.77 7.62 19.82
C PHE F 162 -17.71 6.69 19.23
N VAL F 163 -17.06 5.91 20.11
CA VAL F 163 -16.31 4.75 19.69
C VAL F 163 -17.13 3.54 20.11
N VAL F 164 -17.50 2.72 19.12
CA VAL F 164 -18.36 1.57 19.31
C VAL F 164 -17.84 0.39 18.49
N PRO F 165 -18.35 -0.84 18.76
CA PRO F 165 -18.05 -2.01 17.93
C PRO F 165 -18.48 -1.83 16.48
N ALA F 166 -17.80 -2.52 15.59
CA ALA F 166 -18.10 -2.40 14.17
C ALA F 166 -19.31 -3.24 13.72
N THR F 167 -19.93 -3.98 14.65
CA THR F 167 -20.94 -4.98 14.29
C THR F 167 -22.22 -4.39 13.67
N TRP F 168 -22.57 -3.18 14.08
CA TRP F 168 -23.77 -2.51 13.56
C TRP F 168 -23.69 -2.12 12.08
N LEU F 169 -22.48 -2.13 11.51
CA LEU F 169 -22.33 -1.87 10.07
C LEU F 169 -23.03 -2.94 9.24
N VAL F 170 -23.06 -4.16 9.77
CA VAL F 170 -23.55 -5.33 9.02
C VAL F 170 -24.68 -6.13 9.67
N LEU F 171 -24.74 -6.12 11.00
CA LEU F 171 -25.64 -7.04 11.71
C LEU F 171 -27.09 -6.64 11.66
N GLU F 172 -27.95 -7.66 11.61
CA GLU F 172 -29.39 -7.48 11.45
C GLU F 172 -30.05 -6.83 12.67
N ASP F 173 -29.52 -7.08 13.87
CA ASP F 173 -30.03 -6.45 15.10
C ASP F 173 -29.99 -4.92 15.03
N PHE F 174 -29.15 -4.40 14.14
CA PHE F 174 -28.92 -2.96 14.02
C PHE F 174 -29.50 -2.36 12.74
N ALA F 175 -30.35 -3.12 12.06
CA ALA F 175 -31.03 -2.64 10.86
C ALA F 175 -31.82 -1.36 11.14
N LEU F 176 -32.65 -1.40 12.17
CA LEU F 176 -33.44 -0.22 12.55
C LEU F 176 -32.56 0.96 12.98
N LEU F 177 -31.47 0.68 13.69
CA LEU F 177 -30.50 1.72 14.05
C LEU F 177 -29.90 2.41 12.81
N ARG F 178 -29.44 1.62 11.84
CA ARG F 178 -28.90 2.17 10.59
C ARG F 178 -29.93 3.01 9.81
N GLU F 179 -31.17 2.54 9.74
CA GLU F 179 -32.25 3.25 9.06
C GLU F 179 -32.56 4.56 9.78
N PHE F 180 -32.52 4.49 11.12
CA PHE F 180 -32.69 5.64 11.99
C PHE F 180 -31.59 6.67 11.78
N LEU F 181 -30.33 6.25 11.84
CA LEU F 181 -29.22 7.17 11.65
C LEU F 181 -29.32 7.89 10.30
N ALA F 182 -29.60 7.12 9.26
CA ALA F 182 -29.70 7.62 7.89
C ALA F 182 -30.83 8.63 7.68
N ARG F 183 -31.93 8.46 8.41
CA ARG F 183 -33.06 9.39 8.32
C ARG F 183 -32.93 10.59 9.27
N GLU F 184 -32.07 10.48 10.29
CA GLU F 184 -31.99 11.51 11.33
C GLU F 184 -30.93 12.59 11.06
N GLY F 185 -29.96 12.27 10.20
CA GLY F 185 -28.88 13.19 9.86
C GLY F 185 -27.86 12.55 8.94
N LYS F 186 -26.63 13.07 8.99
CA LYS F 186 -25.53 12.52 8.20
C LYS F 186 -24.52 11.77 9.07
N THR F 187 -23.97 10.69 8.53
CA THR F 187 -23.10 9.78 9.27
C THR F 187 -21.73 9.67 8.63
N SER F 188 -20.70 9.65 9.45
CA SER F 188 -19.36 9.33 9.01
C SER F 188 -18.87 8.19 9.88
N VAL F 189 -18.43 7.11 9.24
CA VAL F 189 -17.90 5.97 9.97
C VAL F 189 -16.40 5.88 9.73
N TYR F 190 -15.63 5.82 10.82
CA TYR F 190 -14.18 5.68 10.74
C TYR F 190 -13.76 4.33 11.31
N TYR F 191 -13.27 3.44 10.46
CA TYR F 191 -12.81 2.13 10.90
C TYR F 191 -11.50 2.22 11.67
N LEU F 192 -11.47 1.61 12.85
CA LEU F 192 -10.25 1.56 13.67
C LEU F 192 -9.73 0.15 13.82
N GLY F 193 -10.65 -0.78 14.07
CA GLY F 193 -10.32 -2.18 14.30
C GLY F 193 -10.09 -2.48 15.75
N GLU F 194 -9.29 -3.52 16.00
CA GLU F 194 -8.97 -3.97 17.34
C GLU F 194 -7.96 -3.03 18.02
N VAL F 195 -8.48 -1.93 18.55
CA VAL F 195 -7.66 -0.87 19.13
C VAL F 195 -7.69 -0.85 20.66
N PHE F 196 -8.58 -1.65 21.26
CA PHE F 196 -8.65 -1.77 22.71
C PHE F 196 -7.82 -2.98 23.17
N PRO F 197 -6.64 -2.73 23.76
CA PRO F 197 -5.82 -3.86 24.21
C PRO F 197 -6.63 -4.76 25.14
N GLN F 198 -6.39 -6.06 25.05
CA GLN F 198 -7.07 -7.08 25.87
C GLN F 198 -8.60 -7.01 25.80
N LYS F 199 -9.10 -6.26 24.83
CA LYS F 199 -10.52 -6.23 24.54
C LYS F 199 -10.71 -6.79 23.14
N LYS F 200 -11.42 -7.92 23.04
CA LYS F 200 -11.67 -8.56 21.76
C LYS F 200 -12.86 -7.89 21.09
N VAL F 201 -12.59 -6.78 20.41
CA VAL F 201 -13.62 -5.98 19.77
C VAL F 201 -13.02 -5.20 18.62
N SER F 202 -13.66 -5.25 17.46
CA SER F 202 -13.24 -4.44 16.33
C SER F 202 -14.08 -3.16 16.28
N ALA F 203 -13.40 -2.02 16.45
CA ALA F 203 -14.07 -0.75 16.71
C ALA F 203 -14.15 0.16 15.51
N VAL F 204 -15.16 1.03 15.52
CA VAL F 204 -15.25 2.15 14.59
C VAL F 204 -15.52 3.39 15.41
N VAL F 205 -15.14 4.54 14.87
CA VAL F 205 -15.64 5.80 15.38
C VAL F 205 -16.79 6.22 14.47
N ILE F 206 -17.89 6.65 15.08
CA ILE F 206 -18.97 7.25 14.34
C ILE F 206 -19.06 8.74 14.68
N ARG F 207 -19.00 9.56 13.65
CA ARG F 207 -19.27 10.98 13.77
C ARG F 207 -20.63 11.23 13.12
N PHE F 208 -21.63 11.56 13.93
CA PHE F 208 -22.97 11.85 13.45
C PHE F 208 -23.36 13.31 13.69
N GLN F 209 -24.04 13.92 12.70
CA GLN F 209 -24.55 15.28 12.83
C GLN F 209 -26.05 15.32 12.51
N LYS F 210 -26.83 15.93 13.38
CA LYS F 210 -28.30 15.93 13.24
C LYS F 210 -28.79 16.93 12.19
N SER F 211 -28.26 16.79 10.98
CA SER F 211 -28.61 17.60 9.83
C SER F 211 -28.07 16.90 8.59
N GLY F 212 -28.52 17.35 7.42
CA GLY F 212 -28.12 16.75 6.16
C GLY F 212 -28.51 15.28 6.07
N LYS F 213 -27.73 14.54 5.28
CA LYS F 213 -27.98 13.13 5.05
C LYS F 213 -26.74 12.47 4.46
N GLY F 214 -26.78 11.14 4.36
CA GLY F 214 -25.73 10.39 3.69
C GLY F 214 -24.71 9.74 4.60
N LEU F 215 -23.81 9.00 3.98
CA LEU F 215 -22.80 8.24 4.70
C LEU F 215 -21.47 8.42 4.01
N SER F 216 -20.44 8.68 4.81
CA SER F 216 -19.06 8.64 4.36
C SER F 216 -18.40 7.51 5.13
N LEU F 217 -17.76 6.60 4.40
CA LEU F 217 -16.96 5.56 5.02
C LEU F 217 -15.49 5.93 4.93
N TRP F 218 -14.80 5.85 6.07
CA TRP F 218 -13.38 6.19 6.16
C TRP F 218 -12.60 5.01 6.70
N ASP F 219 -11.43 4.76 6.11
CA ASP F 219 -10.42 3.92 6.75
C ASP F 219 -9.64 4.85 7.67
N THR F 220 -8.78 4.29 8.52
CA THR F 220 -7.83 5.11 9.25
C THR F 220 -6.45 4.47 9.18
N GLN F 221 -5.43 5.26 9.48
CA GLN F 221 -4.11 4.73 9.81
C GLN F 221 -3.60 5.40 11.08
N GLU F 222 -2.77 4.69 11.83
CA GLU F 222 -2.18 5.22 13.06
C GLU F 222 -1.26 6.40 12.77
N SER F 223 -1.39 7.43 13.59
CA SER F 223 -0.48 8.56 13.56
C SER F 223 0.26 8.61 14.89
N GLU F 224 1.15 9.57 15.07
CA GLU F 224 1.98 9.61 16.28
C GLU F 224 1.18 9.84 17.57
N SER F 225 0.13 10.65 17.46
CA SER F 225 -0.70 11.00 18.62
C SER F 225 -2.13 10.46 18.53
N GLY F 226 -2.59 10.13 17.32
CA GLY F 226 -3.96 9.61 17.14
C GLY F 226 -4.18 8.75 15.92
N PHE F 227 -5.09 9.20 15.05
CA PHE F 227 -5.44 8.49 13.83
C PHE F 227 -5.64 9.43 12.67
N THR F 228 -5.21 9.00 11.49
CA THR F 228 -5.38 9.76 10.26
C THR F 228 -6.45 9.05 9.42
N PRO F 229 -7.58 9.72 9.16
CA PRO F 229 -8.68 9.15 8.37
C PRO F 229 -8.50 9.23 6.86
N ILE F 230 -8.75 8.12 6.18
CA ILE F 230 -8.68 8.04 4.72
C ILE F 230 -10.09 7.79 4.16
N LEU F 231 -10.63 8.73 3.38
CA LEU F 231 -11.97 8.54 2.80
C LEU F 231 -11.95 7.35 1.84
N TRP F 232 -12.85 6.40 2.09
CA TRP F 232 -12.93 5.19 1.29
C TRP F 232 -14.07 5.28 0.29
N ALA F 233 -15.23 5.72 0.75
CA ALA F 233 -16.44 5.80 -0.07
C ALA F 233 -17.47 6.78 0.49
N GLU F 234 -18.25 7.38 -0.39
CA GLU F 234 -19.37 8.22 0.02
C GLU F 234 -20.66 7.64 -0.52
N TYR F 235 -21.69 7.62 0.32
CA TYR F 235 -23.04 7.21 -0.06
C TYR F 235 -24.01 8.31 0.36
N PRO F 236 -24.21 9.33 -0.50
CA PRO F 236 -25.10 10.46 -0.20
C PRO F 236 -26.57 10.08 -0.05
N HIS F 237 -26.92 8.90 -0.53
CA HIS F 237 -28.32 8.46 -0.54
C HIS F 237 -28.56 7.28 0.38
N TRP F 238 -27.60 7.05 1.29
CA TRP F 238 -27.67 6.00 2.29
C TRP F 238 -29.01 6.00 3.03
N GLU F 239 -29.64 4.83 3.09
CA GLU F 239 -30.93 4.66 3.74
C GLU F 239 -30.86 3.65 4.88
N GLY F 240 -29.65 3.32 5.30
CA GLY F 240 -29.46 2.32 6.34
C GLY F 240 -29.10 0.96 5.78
N GLU F 241 -28.70 0.90 4.50
CA GLU F 241 -28.13 -0.33 3.96
C GLU F 241 -26.87 -0.70 4.75
N ILE F 242 -26.51 -1.98 4.70
CA ILE F 242 -25.33 -2.50 5.36
C ILE F 242 -24.06 -1.78 4.87
N ILE F 243 -23.11 -1.60 5.78
CA ILE F 243 -21.89 -0.86 5.50
C ILE F 243 -20.71 -1.81 5.26
N ARG F 244 -20.05 -1.61 4.12
CA ARG F 244 -19.01 -2.52 3.63
C ARG F 244 -17.90 -1.70 2.99
N PHE F 245 -16.69 -2.23 2.99
CA PHE F 245 -15.60 -1.66 2.22
C PHE F 245 -15.58 -2.25 0.82
N GLU F 246 -16.29 -1.58 -0.09
CA GLU F 246 -16.41 -1.98 -1.49
C GLU F 246 -15.21 -1.50 -2.28
N THR F 247 -14.80 -2.29 -3.27
CA THR F 247 -13.76 -1.92 -4.23
C THR F 247 -14.24 -2.24 -5.64
N GLU F 248 -13.37 -2.04 -6.63
CA GLU F 248 -13.71 -2.39 -8.00
C GLU F 248 -13.81 -3.91 -8.15
N GLU F 249 -12.98 -4.64 -7.41
CA GLU F 249 -12.99 -6.11 -7.42
C GLU F 249 -14.30 -6.69 -6.86
N THR F 250 -14.70 -6.22 -5.67
CA THR F 250 -15.93 -6.69 -5.04
C THR F 250 -17.14 -6.30 -5.89
N ARG F 251 -17.11 -5.08 -6.41
CA ARG F 251 -18.14 -4.63 -7.34
C ARG F 251 -18.18 -5.48 -8.63
N LYS F 252 -17.02 -5.64 -9.29
CA LYS F 252 -16.93 -6.51 -10.46
C LYS F 252 -17.52 -7.89 -10.22
N LEU F 253 -17.13 -8.51 -9.11
CA LEU F 253 -17.53 -9.88 -8.82
C LEU F 253 -19.04 -9.99 -8.58
N GLU F 254 -19.62 -9.01 -7.90
CA GLU F 254 -21.05 -9.02 -7.57
C GLU F 254 -21.96 -8.66 -8.75
N ILE F 255 -21.53 -7.73 -9.60
CA ILE F 255 -22.32 -7.37 -10.79
C ILE F 255 -22.27 -8.53 -11.81
N SER F 256 -21.12 -9.17 -11.90
CA SER F 256 -20.88 -10.30 -12.78
C SER F 256 -21.73 -11.53 -12.42
N GLY F 257 -21.94 -11.76 -11.14
CA GLY F 257 -22.62 -12.98 -10.72
C GLY F 257 -24.01 -12.80 -10.16
N MET F 258 -24.62 -13.93 -9.80
CA MET F 258 -25.92 -14.01 -9.17
C MET F 258 -25.72 -14.12 -7.66
N PRO F 259 -26.59 -13.50 -6.85
CA PRO F 259 -26.43 -13.69 -5.40
C PRO F 259 -26.69 -15.13 -5.01
N LEU F 260 -25.88 -15.67 -4.11
CA LEU F 260 -26.05 -17.04 -3.63
C LEU F 260 -27.45 -17.24 -3.09
N GLY F 261 -28.00 -16.20 -2.44
CA GLY F 261 -29.34 -16.22 -1.86
C GLY F 261 -30.50 -16.29 -2.83
N ASP F 262 -30.29 -15.85 -4.07
CA ASP F 262 -31.30 -15.96 -5.13
C ASP F 262 -31.50 -17.40 -5.60
N LEU F 263 -30.51 -18.25 -5.32
CA LEU F 263 -30.49 -19.62 -5.81
C LEU F 263 -30.81 -20.65 -4.73
N PHE F 264 -30.63 -20.26 -3.48
CA PHE F 264 -30.80 -21.17 -2.35
C PHE F 264 -31.73 -20.61 -1.30
N HIS F 265 -32.52 -21.50 -0.71
CA HIS F 265 -33.14 -21.24 0.58
C HIS F 265 -32.04 -21.50 1.58
N ILE F 266 -31.78 -20.51 2.42
CA ILE F 266 -30.71 -20.63 3.41
C ILE F 266 -31.32 -20.76 4.80
N ARG F 267 -31.05 -21.89 5.43
CA ARG F 267 -31.52 -22.18 6.76
C ARG F 267 -30.31 -22.34 7.67
N PHE F 268 -30.51 -22.09 8.95
CA PHE F 268 -29.50 -22.40 9.94
C PHE F 268 -29.90 -23.71 10.58
N ALA F 269 -28.91 -24.37 11.17
CA ALA F 269 -29.13 -25.64 11.84
C ALA F 269 -30.08 -25.48 13.02
N ALA F 270 -30.70 -26.59 13.42
CA ALA F 270 -31.45 -26.66 14.66
C ALA F 270 -30.49 -26.35 15.80
N ARG F 271 -30.95 -25.59 16.78
CA ARG F 271 -30.10 -25.22 17.91
C ARG F 271 -30.12 -26.32 18.96
N SER F 272 -29.12 -26.30 19.86
CA SER F 272 -29.02 -27.27 20.95
C SER F 272 -30.32 -27.50 21.75
N PRO F 273 -31.01 -26.41 22.19
CA PRO F 273 -32.28 -26.63 22.90
C PRO F 273 -33.22 -27.59 22.18
N GLU F 274 -33.34 -27.44 20.86
CA GLU F 274 -34.21 -28.29 20.03
C GLU F 274 -33.74 -29.75 20.05
N PHE F 275 -32.42 -29.94 19.98
CA PHE F 275 -31.83 -31.27 20.06
C PHE F 275 -32.04 -31.89 21.43
N LYS F 276 -31.74 -31.10 22.47
CA LYS F 276 -31.81 -31.54 23.88
C LYS F 276 -33.16 -32.14 24.26
N LYS F 277 -34.25 -31.51 23.81
CA LYS F 277 -35.60 -31.94 24.14
C LYS F 277 -36.17 -33.01 23.21
N HIS F 278 -35.36 -33.45 22.23
CA HIS F 278 -35.81 -34.42 21.23
C HIS F 278 -35.67 -35.88 21.70
N PRO F 279 -36.76 -36.66 21.58
CA PRO F 279 -36.87 -38.05 22.06
C PRO F 279 -35.81 -39.02 21.53
N ALA F 280 -35.21 -38.72 20.38
CA ALA F 280 -34.24 -39.61 19.72
C ALA F 280 -32.78 -39.28 20.05
N VAL F 281 -32.54 -38.06 20.51
CA VAL F 281 -31.20 -37.56 20.78
C VAL F 281 -30.67 -38.15 22.10
N ARG F 282 -29.44 -38.63 22.06
CA ARG F 282 -28.81 -39.25 23.23
C ARG F 282 -27.47 -38.60 23.58
N LYS F 283 -27.03 -38.83 24.81
CA LYS F 283 -25.90 -38.11 25.40
C LYS F 283 -24.59 -38.91 25.33
N GLU F 284 -24.64 -40.07 24.69
CA GLU F 284 -23.54 -41.04 24.75
C GLU F 284 -23.33 -41.70 23.39
N PRO F 285 -22.08 -42.09 23.07
CA PRO F 285 -21.83 -42.83 21.82
C PRO F 285 -22.43 -44.23 21.86
N GLY F 286 -23.39 -44.50 20.97
CA GLY F 286 -23.99 -45.83 20.87
C GLY F 286 -23.93 -46.41 19.46
N PRO F 287 -24.18 -47.74 19.33
CA PRO F 287 -24.38 -48.35 18.01
C PRO F 287 -25.65 -47.84 17.34
N GLY F 288 -25.55 -47.54 16.05
CA GLY F 288 -26.66 -46.94 15.33
C GLY F 288 -26.79 -45.45 15.57
N LEU F 289 -25.85 -44.90 16.34
CA LEU F 289 -25.88 -43.49 16.71
C LEU F 289 -24.80 -42.69 16.00
N VAL F 290 -25.23 -41.54 15.48
CA VAL F 290 -24.39 -40.67 14.68
C VAL F 290 -24.21 -39.33 15.40
N PRO F 291 -22.98 -38.80 15.43
CA PRO F 291 -22.70 -37.48 16.01
C PRO F 291 -23.59 -36.36 15.46
N VAL F 292 -24.07 -35.50 16.36
CA VAL F 292 -24.70 -34.25 15.97
C VAL F 292 -23.56 -33.28 15.69
N LEU F 293 -23.38 -32.94 14.42
CA LEU F 293 -22.20 -32.18 13.99
C LEU F 293 -22.25 -30.71 14.40
N THR F 294 -21.07 -30.10 14.56
CA THR F 294 -20.93 -28.67 14.81
C THR F 294 -19.94 -28.04 13.81
N GLY F 295 -19.66 -26.75 13.99
CA GLY F 295 -18.73 -26.02 13.13
C GLY F 295 -17.36 -26.65 13.04
N ARG F 296 -16.93 -27.26 14.14
CA ARG F 296 -15.63 -27.94 14.23
C ARG F 296 -15.51 -29.14 13.28
N ASN F 297 -16.66 -29.68 12.87
CA ASN F 297 -16.70 -30.81 11.93
C ASN F 297 -16.53 -30.37 10.46
N LEU F 298 -16.98 -29.16 10.16
CA LEU F 298 -16.90 -28.59 8.82
C LEU F 298 -15.50 -28.09 8.48
N LYS F 299 -14.98 -28.51 7.34
CA LYS F 299 -13.66 -28.10 6.87
C LYS F 299 -13.77 -27.59 5.42
N PRO F 300 -12.73 -26.92 4.90
CA PRO F 300 -12.81 -26.44 3.52
C PRO F 300 -12.84 -27.60 2.53
N GLY F 301 -14.02 -27.88 1.98
CA GLY F 301 -14.19 -28.90 0.96
C GLY F 301 -14.60 -30.27 1.45
N TRP F 302 -14.52 -30.50 2.77
CA TRP F 302 -14.90 -31.79 3.34
C TRP F 302 -15.48 -31.69 4.76
N VAL F 303 -16.14 -32.77 5.17
CA VAL F 303 -16.80 -32.85 6.48
C VAL F 303 -16.18 -33.97 7.32
N ASP F 304 -15.93 -33.66 8.59
CA ASP F 304 -15.44 -34.66 9.55
C ASP F 304 -16.61 -35.27 10.29
N TYR F 305 -16.93 -36.51 9.95
CA TYR F 305 -18.11 -37.20 10.49
C TYR F 305 -17.79 -37.95 11.76
N GLU F 306 -16.50 -38.05 12.06
CA GLU F 306 -16.02 -38.86 13.18
C GLU F 306 -16.24 -38.15 14.52
N LYS F 307 -15.57 -37.01 14.69
CA LYS F 307 -15.49 -36.32 15.97
C LYS F 307 -16.80 -35.70 16.45
N ASN F 308 -16.99 -35.76 17.77
CA ASN F 308 -18.19 -35.22 18.42
C ASN F 308 -17.83 -34.06 19.34
N HIS F 309 -18.24 -32.86 18.95
CA HIS F 309 -17.95 -31.65 19.71
C HIS F 309 -19.23 -31.12 20.35
N SER F 310 -20.34 -31.83 20.11
CA SER F 310 -21.65 -31.38 20.55
C SER F 310 -22.10 -32.05 21.85
N GLY F 311 -21.40 -33.12 22.23
CA GLY F 311 -21.82 -33.97 23.33
C GLY F 311 -23.14 -34.69 23.07
N LEU F 312 -23.59 -34.65 21.81
CA LEU F 312 -24.86 -35.25 21.42
C LEU F 312 -24.71 -36.29 20.30
N TRP F 313 -25.58 -37.30 20.35
CA TRP F 313 -25.65 -38.36 19.35
C TRP F 313 -27.11 -38.64 19.03
N MET F 314 -27.37 -39.17 17.83
CA MET F 314 -28.72 -39.60 17.45
C MET F 314 -28.67 -40.56 16.25
N PRO F 315 -29.79 -41.27 15.99
CA PRO F 315 -29.80 -42.08 14.77
C PRO F 315 -29.85 -41.16 13.56
N LYS F 316 -28.82 -41.22 12.73
CA LYS F 316 -28.72 -40.38 11.52
C LYS F 316 -30.04 -40.32 10.76
N GLU F 317 -30.70 -41.47 10.64
CA GLU F 317 -31.98 -41.59 9.96
C GLU F 317 -33.11 -40.78 10.61
N ARG F 318 -32.87 -40.33 11.85
CA ARG F 318 -33.89 -39.58 12.63
C ARG F 318 -33.62 -38.08 12.72
N ALA F 319 -32.49 -37.64 12.15
CA ALA F 319 -32.11 -36.22 12.10
C ALA F 319 -33.13 -35.36 11.35
N LYS F 320 -33.82 -35.97 10.39
CA LYS F 320 -34.78 -35.28 9.53
C LYS F 320 -36.03 -34.75 10.25
N GLU F 321 -36.21 -35.12 11.51
CA GLU F 321 -37.35 -34.66 12.30
C GLU F 321 -37.08 -33.26 12.87
N LEU F 322 -35.83 -33.03 13.26
CA LEU F 322 -35.40 -31.71 13.69
C LEU F 322 -35.47 -30.71 12.54
N ARG F 323 -34.88 -31.06 11.40
CA ARG F 323 -35.02 -30.24 10.20
C ARG F 323 -35.36 -31.07 8.96
N ASP F 324 -36.34 -30.57 8.20
CA ASP F 324 -36.72 -31.10 6.89
C ASP F 324 -35.51 -31.52 6.05
N PHE F 325 -34.49 -30.66 6.02
CA PHE F 325 -33.37 -30.74 5.09
C PHE F 325 -32.20 -31.63 5.50
N TYR F 326 -32.24 -32.20 6.71
CA TYR F 326 -31.21 -33.15 7.10
C TYR F 326 -31.36 -34.49 6.37
N ALA F 327 -32.49 -34.65 5.67
CA ALA F 327 -32.84 -35.89 4.98
C ALA F 327 -32.02 -36.17 3.72
N THR F 328 -31.48 -35.11 3.10
CA THR F 328 -30.79 -35.25 1.83
C THR F 328 -29.46 -34.49 1.83
N PRO F 329 -28.46 -34.98 1.05
CA PRO F 329 -27.19 -34.26 0.89
C PRO F 329 -27.40 -32.81 0.47
N HIS F 330 -26.58 -31.93 1.03
CA HIS F 330 -26.69 -30.50 0.76
C HIS F 330 -25.41 -29.76 1.13
N LEU F 331 -25.32 -28.52 0.65
CA LEU F 331 -24.21 -27.63 0.91
C LEU F 331 -24.32 -27.05 2.32
N VAL F 332 -23.21 -27.12 3.05
CA VAL F 332 -23.10 -26.50 4.37
C VAL F 332 -22.02 -25.42 4.32
N VAL F 333 -22.30 -24.27 4.91
CA VAL F 333 -21.35 -23.16 4.95
C VAL F 333 -21.20 -22.66 6.40
N ALA F 334 -19.94 -22.41 6.78
CA ALA F 334 -19.57 -22.05 8.14
C ALA F 334 -20.07 -20.68 8.58
N HIS F 335 -20.38 -20.58 9.86
CA HIS F 335 -20.84 -19.35 10.48
C HIS F 335 -19.75 -18.75 11.38
N THR F 336 -19.02 -19.59 12.10
CA THR F 336 -18.06 -19.10 13.09
C THR F 336 -16.64 -19.54 12.82
N LYS F 337 -16.13 -19.22 11.63
CA LYS F 337 -14.70 -19.40 11.31
C LYS F 337 -14.05 -18.06 10.96
N GLY F 338 -14.64 -16.97 11.45
CA GLY F 338 -14.20 -15.63 11.11
C GLY F 338 -14.81 -15.20 9.79
N THR F 339 -14.32 -14.10 9.24
CA THR F 339 -14.76 -13.64 7.92
C THR F 339 -14.11 -14.47 6.79
N ARG F 340 -14.72 -15.62 6.54
CA ARG F 340 -14.25 -16.61 5.60
C ARG F 340 -15.44 -17.34 5.01
N VAL F 341 -15.28 -17.89 3.81
CA VAL F 341 -16.30 -18.75 3.23
C VAL F 341 -15.79 -20.20 3.19
N VAL F 342 -16.14 -20.95 4.23
CA VAL F 342 -15.78 -22.36 4.34
C VAL F 342 -17.02 -23.19 4.03
N ALA F 343 -16.98 -23.92 2.92
CA ALA F 343 -18.14 -24.68 2.46
C ALA F 343 -17.83 -26.14 2.18
N ALA F 344 -18.77 -27.02 2.51
CA ALA F 344 -18.67 -28.43 2.14
C ALA F 344 -20.03 -29.00 1.72
N TRP F 345 -19.97 -30.00 0.83
CA TRP F 345 -21.12 -30.81 0.50
C TRP F 345 -21.17 -31.97 1.49
N ASP F 346 -22.20 -32.01 2.31
CA ASP F 346 -22.43 -33.12 3.23
C ASP F 346 -23.09 -34.27 2.45
N GLU F 347 -22.25 -35.18 1.95
CA GLU F 347 -22.70 -36.32 1.15
C GLU F 347 -23.47 -37.38 1.96
N ARG F 348 -23.27 -37.39 3.28
CA ARG F 348 -23.87 -38.41 4.14
C ARG F 348 -25.20 -37.98 4.78
N ALA F 349 -25.47 -36.67 4.77
CA ALA F 349 -26.71 -36.12 5.34
C ALA F 349 -26.85 -36.37 6.84
N TYR F 350 -25.88 -35.85 7.59
CA TYR F 350 -25.83 -35.97 9.06
C TYR F 350 -26.68 -34.90 9.76
N PRO F 351 -27.00 -35.13 11.06
CA PRO F 351 -27.56 -34.05 11.87
C PRO F 351 -26.51 -32.99 12.17
N TRP F 352 -26.86 -31.72 11.99
CA TRP F 352 -25.98 -30.61 12.35
C TRP F 352 -26.62 -29.76 13.44
N ARG F 353 -25.80 -29.34 14.40
CA ARG F 353 -26.24 -28.40 15.42
C ARG F 353 -25.87 -26.97 15.02
N GLU F 354 -24.88 -26.82 14.13
CA GLU F 354 -24.41 -25.50 13.67
C GLU F 354 -24.44 -25.31 12.14
N GLU F 355 -24.04 -24.11 11.72
CA GLU F 355 -23.75 -23.75 10.32
C GLU F 355 -24.98 -23.48 9.46
N PHE F 356 -24.76 -22.78 8.35
CA PHE F 356 -25.79 -22.55 7.37
C PHE F 356 -26.02 -23.80 6.53
N HIS F 357 -27.28 -24.01 6.16
CA HIS F 357 -27.67 -25.10 5.29
C HIS F 357 -28.42 -24.55 4.09
N LEU F 358 -27.91 -24.88 2.92
CA LEU F 358 -28.39 -24.29 1.69
C LEU F 358 -29.11 -25.33 0.85
N LEU F 359 -30.36 -25.00 0.50
CA LEU F 359 -31.20 -25.89 -0.26
C LEU F 359 -31.60 -25.19 -1.54
N PRO F 360 -31.29 -25.80 -2.69
CA PRO F 360 -31.60 -25.22 -3.98
C PRO F 360 -33.06 -24.79 -4.08
N LYS F 361 -33.31 -23.70 -4.78
CA LYS F 361 -34.67 -23.26 -5.06
C LYS F 361 -35.25 -24.00 -6.24
N GLU F 362 -36.53 -23.76 -6.50
CA GLU F 362 -37.26 -24.44 -7.57
C GLU F 362 -36.67 -24.11 -8.93
N GLY F 363 -36.14 -25.13 -9.60
CA GLY F 363 -35.54 -24.96 -10.93
C GLY F 363 -34.04 -24.80 -10.90
N VAL F 364 -33.45 -24.84 -9.71
CA VAL F 364 -32.00 -24.72 -9.55
C VAL F 364 -31.37 -26.11 -9.39
N ARG F 365 -30.48 -26.46 -10.30
CA ARG F 365 -29.70 -27.69 -10.20
C ARG F 365 -28.22 -27.39 -10.03
N LEU F 366 -27.60 -28.08 -9.08
CA LEU F 366 -26.21 -27.78 -8.69
C LEU F 366 -25.21 -28.76 -9.28
N ASP F 367 -23.97 -28.28 -9.43
CA ASP F 367 -22.82 -29.15 -9.52
C ASP F 367 -22.04 -28.93 -8.23
N PRO F 368 -22.27 -29.78 -7.21
CA PRO F 368 -21.71 -29.60 -5.87
C PRO F 368 -20.21 -29.32 -5.81
N SER F 369 -19.39 -30.14 -6.46
CA SER F 369 -17.94 -29.98 -6.36
C SER F 369 -17.40 -28.69 -7.01
N SER F 370 -18.09 -28.19 -8.02
CA SER F 370 -17.73 -26.91 -8.65
C SER F 370 -18.03 -25.75 -7.70
N LEU F 371 -19.25 -25.73 -7.16
CA LEU F 371 -19.70 -24.69 -6.24
C LEU F 371 -18.90 -24.70 -4.94
N VAL F 372 -18.71 -25.90 -4.37
CA VAL F 372 -17.90 -26.05 -3.16
C VAL F 372 -16.52 -25.45 -3.37
N GLN F 373 -15.89 -25.79 -4.50
CA GLN F 373 -14.53 -25.32 -4.72
C GLN F 373 -14.45 -23.85 -5.15
N TRP F 374 -15.51 -23.35 -5.79
CA TRP F 374 -15.64 -21.91 -6.02
C TRP F 374 -15.77 -21.13 -4.70
N LEU F 375 -16.60 -21.63 -3.78
CA LEU F 375 -16.84 -20.96 -2.50
C LEU F 375 -15.60 -20.95 -1.60
N ASN F 376 -14.87 -22.07 -1.58
CA ASN F 376 -13.63 -22.17 -0.80
C ASN F 376 -12.42 -21.48 -1.44
N SER F 377 -12.60 -20.92 -2.64
CA SER F 377 -11.50 -20.34 -3.39
C SER F 377 -10.95 -19.09 -2.72
N GLU F 378 -9.69 -18.81 -2.98
CA GLU F 378 -9.01 -17.65 -2.42
C GLU F 378 -9.56 -16.31 -2.90
N ALA F 379 -10.18 -16.31 -4.08
CA ALA F 379 -10.84 -15.10 -4.62
C ALA F 379 -12.06 -14.73 -3.76
N MET F 380 -12.80 -15.76 -3.34
CA MET F 380 -13.91 -15.62 -2.40
C MET F 380 -13.44 -15.18 -1.01
N GLN F 381 -12.34 -15.75 -0.52
CA GLN F 381 -11.80 -15.38 0.80
C GLN F 381 -11.40 -13.90 0.81
N LYS F 382 -10.77 -13.47 -0.28
CA LYS F 382 -10.38 -12.08 -0.47
C LYS F 382 -11.59 -11.15 -0.61
N HIS F 383 -12.61 -11.61 -1.34
CA HIS F 383 -13.86 -10.86 -1.54
C HIS F 383 -14.50 -10.50 -0.19
N VAL F 384 -14.73 -11.51 0.65
CA VAL F 384 -15.40 -11.28 1.94
C VAL F 384 -14.57 -10.48 2.94
N ARG F 385 -13.25 -10.73 2.95
CA ARG F 385 -12.31 -10.00 3.82
C ARG F 385 -12.21 -8.52 3.45
N THR F 386 -12.36 -8.23 2.15
CA THR F 386 -12.37 -6.85 1.67
C THR F 386 -13.64 -6.12 2.12
N LEU F 387 -14.78 -6.72 1.86
CA LEU F 387 -16.07 -6.11 2.20
C LEU F 387 -16.26 -5.90 3.69
N TYR F 388 -16.06 -6.97 4.46
CA TYR F 388 -16.50 -7.01 5.84
C TYR F 388 -15.39 -7.04 6.88
N ARG F 389 -14.14 -7.04 6.40
CA ARG F 389 -12.93 -7.04 7.26
C ARG F 389 -13.02 -7.94 8.49
N ASP F 390 -13.00 -7.33 9.68
CA ASP F 390 -13.15 -8.06 10.92
C ASP F 390 -14.28 -7.52 11.80
N PHE F 391 -15.28 -6.90 11.18
CA PHE F 391 -16.42 -6.31 11.93
C PHE F 391 -16.99 -7.31 12.90
N VAL F 392 -17.22 -8.54 12.42
CA VAL F 392 -17.72 -9.64 13.23
C VAL F 392 -16.90 -10.92 13.02
N PRO F 393 -16.76 -11.75 14.07
CA PRO F 393 -15.98 -12.98 13.91
C PRO F 393 -16.80 -14.09 13.25
N HIS F 394 -17.64 -13.71 12.28
CA HIS F 394 -18.57 -14.61 11.61
C HIS F 394 -18.64 -14.36 10.10
N LEU F 395 -19.11 -15.37 9.37
CA LEU F 395 -19.78 -15.16 8.10
C LEU F 395 -21.26 -15.13 8.41
N THR F 396 -21.94 -14.04 8.06
CA THR F 396 -23.35 -13.91 8.37
C THR F 396 -24.26 -14.21 7.17
N LEU F 397 -25.54 -14.34 7.44
CA LEU F 397 -26.54 -14.62 6.41
C LEU F 397 -26.57 -13.51 5.36
N ARG F 398 -26.55 -12.27 5.83
CA ARG F 398 -26.57 -11.11 4.96
C ARG F 398 -25.34 -11.10 4.03
N MET F 399 -24.19 -11.57 4.54
CA MET F 399 -22.96 -11.73 3.76
C MET F 399 -23.04 -12.92 2.79
N LEU F 400 -23.43 -14.07 3.33
CA LEU F 400 -23.61 -15.31 2.57
C LEU F 400 -24.60 -15.20 1.39
N GLU F 401 -25.75 -14.60 1.64
CA GLU F 401 -26.79 -14.49 0.62
C GLU F 401 -26.38 -13.57 -0.52
N ARG F 402 -25.32 -12.79 -0.29
CA ARG F 402 -24.82 -11.86 -1.30
C ARG F 402 -23.58 -12.35 -2.03
N LEU F 403 -23.07 -13.53 -1.66
CA LEU F 403 -21.91 -14.10 -2.35
C LEU F 403 -22.27 -14.37 -3.80
N PRO F 404 -21.42 -13.90 -4.73
CA PRO F 404 -21.75 -14.04 -6.16
C PRO F 404 -21.36 -15.39 -6.72
N VAL F 405 -22.26 -15.96 -7.52
CA VAL F 405 -21.98 -17.20 -8.24
C VAL F 405 -22.42 -17.08 -9.71
N ARG F 406 -21.62 -17.66 -10.60
CA ARG F 406 -21.99 -17.79 -12.01
C ARG F 406 -22.23 -19.26 -12.34
N ARG F 407 -23.07 -19.51 -13.34
CA ARG F 407 -23.49 -20.89 -13.65
C ARG F 407 -22.34 -21.86 -13.94
N GLU F 408 -21.24 -21.34 -14.48
CA GLU F 408 -20.02 -22.14 -14.66
C GLU F 408 -19.44 -22.62 -13.34
N TYR F 409 -19.76 -21.93 -12.25
CA TYR F 409 -19.26 -22.30 -10.92
C TYR F 409 -20.25 -23.15 -10.10
N GLY F 410 -21.06 -23.94 -10.79
CA GLY F 410 -21.81 -25.02 -10.15
C GLY F 410 -23.31 -24.90 -9.99
N PHE F 411 -23.97 -24.15 -10.88
CA PHE F 411 -25.45 -24.11 -10.91
C PHE F 411 -26.03 -23.89 -12.31
N HIS F 412 -27.29 -24.28 -12.48
CA HIS F 412 -28.08 -23.88 -13.66
C HIS F 412 -29.57 -23.78 -13.33
N THR F 413 -30.32 -23.07 -14.16
CA THR F 413 -31.74 -22.84 -13.93
C THR F 413 -32.62 -23.44 -15.05
#